data_2ZYA
#
_entry.id   2ZYA
#
_cell.length_a   68.004
_cell.length_b   108.718
_cell.length_c   133.505
_cell.angle_alpha   90.00
_cell.angle_beta   90.00
_cell.angle_gamma   90.00
#
_symmetry.space_group_name_H-M   'P 21 21 21'
#
loop_
_entity.id
_entity.type
_entity.pdbx_description
1 polymer '6-phosphogluconate dehydrogenase, decarboxylating'
2 non-polymer '6-PHOSPHOGLUCONIC ACID'
3 water water
#
_entity_poly.entity_id   1
_entity_poly.type   'polypeptide(L)'
_entity_poly.pdbx_seq_one_letter_code
;MGHHHHHHHHHHMSKQQIGVVGMAVMGRNLALNIESRGYTVSIFNRSREKTEEVIAENPGKKLVPYYTVKEFVESLETPR
RILLMVKAGAGTDAAIDSLKPYLDKGDIIIDGGNTFFQDTIRRNRELSAEGFNFIGTGVSGGEEGALKGPSIMPGGQKEA
YELVAPILTKIAAVAEDGEPCVTYIGADGAGHYVKMVHNGIEYGDMQLIAEAYSLLKGGLNLTNEELAQTFTEWNNGELS
SYLIDITKDIFTKKDEDGNYLVDVILDEAANKGTGKWTSQSALDLGEPLSLITESVFARYISSLKDQRVAASKVLSGPQA
QPAGDKAEFIEKVRRALYLGKIVSYAQGFSQLRAASEEYNWDLNYGEIAKIFRAGCIIRAQFLQKITDACAENPQIANLL
LAPYFKQIADDYQQALRDVVAYAVQNGIPVPTFSAAVAYYDSYRAAVLPANLIQAQRDYFGAHTYKRIDKEGVFHTEWLD
;
_entity_poly.pdbx_strand_id   A,B
#
loop_
_chem_comp.id
_chem_comp.type
_chem_comp.name
_chem_comp.formula
6PG D-saccharide '6-PHOSPHOGLUCONIC ACID' 'C6 H13 O10 P'
#
# COMPACT_ATOMS: atom_id res chain seq x y z
N SER A 14 -1.76 48.11 21.86
CA SER A 14 -2.86 47.21 21.38
C SER A 14 -2.27 45.88 20.88
N LYS A 15 -2.84 44.78 21.35
CA LYS A 15 -2.34 43.47 20.93
C LYS A 15 -3.38 42.73 20.12
N GLN A 16 -2.91 41.80 19.30
CA GLN A 16 -3.80 41.04 18.44
C GLN A 16 -4.13 39.71 19.06
N GLN A 17 -5.26 39.12 18.62
CA GLN A 17 -5.67 37.84 19.16
C GLN A 17 -5.00 36.69 18.45
N ILE A 18 -4.49 36.93 17.24
CA ILE A 18 -3.87 35.82 16.55
C ILE A 18 -2.89 36.37 15.53
N GLY A 19 -1.87 35.56 15.22
CA GLY A 19 -0.87 36.01 14.25
C GLY A 19 -0.62 34.84 13.31
N VAL A 20 -0.19 35.16 12.07
CA VAL A 20 0.07 34.14 11.09
C VAL A 20 1.51 34.26 10.65
N VAL A 21 2.22 33.14 10.68
CA VAL A 21 3.63 33.06 10.22
C VAL A 21 3.63 32.31 8.90
N GLY A 22 4.17 32.93 7.84
CA GLY A 22 4.22 32.26 6.54
C GLY A 22 3.28 32.93 5.57
N MET A 23 3.82 33.85 4.77
CA MET A 23 3.04 34.64 3.87
C MET A 23 2.96 34.19 2.42
N ALA A 24 3.24 32.90 2.19
CA ALA A 24 2.99 32.34 0.86
C ALA A 24 1.44 32.43 0.73
N VAL A 25 0.91 31.96 -0.40
CA VAL A 25 -0.52 32.13 -0.64
C VAL A 25 -1.46 31.56 0.42
N MET A 26 -1.21 30.34 0.89
CA MET A 26 -2.13 29.78 1.89
C MET A 26 -2.18 30.56 3.21
N GLY A 27 -1.01 30.95 3.74
CA GLY A 27 -0.94 31.71 4.98
C GLY A 27 -1.51 33.11 4.80
N ARG A 28 -1.19 33.73 3.69
CA ARG A 28 -1.71 35.04 3.40
C ARG A 28 -3.26 34.97 3.31
N ASN A 29 -3.76 33.99 2.58
CA ASN A 29 -5.19 33.88 2.44
C ASN A 29 -5.94 33.58 3.74
N LEU A 30 -5.36 32.74 4.60
CA LEU A 30 -5.97 32.47 5.89
C LEU A 30 -5.93 33.77 6.74
N ALA A 31 -4.83 34.52 6.68
CA ALA A 31 -4.75 35.80 7.40
C ALA A 31 -5.87 36.73 6.91
N LEU A 32 -6.07 36.79 5.58
CA LEU A 32 -7.16 37.66 5.05
C LEU A 32 -8.54 37.15 5.45
N ASN A 33 -8.70 35.82 5.50
CA ASN A 33 -9.99 35.25 5.91
C ASN A 33 -10.23 35.69 7.34
N ILE A 34 -9.23 35.49 8.22
CA ILE A 34 -9.41 35.90 9.62
C ILE A 34 -9.72 37.43 9.68
N GLU A 35 -8.94 38.25 8.98
CA GLU A 35 -9.18 39.68 9.00
C GLU A 35 -10.62 40.01 8.58
N SER A 36 -11.16 39.26 7.61
CA SER A 36 -12.52 39.53 7.11
C SER A 36 -13.62 39.28 8.13
N ARG A 37 -13.28 38.60 9.21
CA ARG A 37 -14.27 38.30 10.24
C ARG A 37 -14.21 39.32 11.36
N GLY A 38 -13.41 40.36 11.16
CA GLY A 38 -13.35 41.42 12.13
C GLY A 38 -12.11 41.52 12.98
N TYR A 39 -11.16 40.61 12.77
CA TYR A 39 -9.95 40.61 13.59
C TYR A 39 -8.82 41.42 13.01
N THR A 40 -7.98 41.98 13.88
CA THR A 40 -6.77 42.65 13.42
C THR A 40 -5.78 41.45 13.54
N VAL A 41 -4.98 41.24 12.51
CA VAL A 41 -4.09 40.05 12.49
C VAL A 41 -2.62 40.44 12.34
N SER A 42 -1.76 39.87 13.19
CA SER A 42 -0.32 40.08 13.06
C SER A 42 0.19 39.15 12.01
N ILE A 43 1.11 39.62 11.15
CA ILE A 43 1.64 38.71 10.13
C ILE A 43 3.15 38.79 10.12
N PHE A 44 3.81 37.69 9.79
CA PHE A 44 5.29 37.66 9.75
C PHE A 44 5.71 36.63 8.73
N ASN A 45 6.85 36.85 8.09
CA ASN A 45 7.38 35.87 7.15
C ASN A 45 8.92 35.90 7.33
N ARG A 46 9.59 34.76 7.24
CA ARG A 46 11.04 34.82 7.47
C ARG A 46 11.75 35.71 6.45
N SER A 47 11.12 35.94 5.30
CA SER A 47 11.64 36.81 4.23
C SER A 47 10.75 38.06 4.24
N ARG A 48 11.31 39.24 4.53
CA ARG A 48 10.46 40.44 4.63
C ARG A 48 9.70 40.85 3.36
N GLU A 49 10.27 40.56 2.20
CA GLU A 49 9.68 40.90 0.93
C GLU A 49 8.23 40.44 0.77
N LYS A 50 7.95 39.19 1.13
CA LYS A 50 6.62 38.67 0.95
C LYS A 50 5.62 39.38 1.87
N THR A 51 6.04 39.71 3.08
CA THR A 51 5.19 40.42 4.01
C THR A 51 4.88 41.82 3.42
N GLU A 52 5.90 42.48 2.89
CA GLU A 52 5.68 43.80 2.31
C GLU A 52 4.68 43.77 1.18
N GLU A 53 4.77 42.71 0.37
CA GLU A 53 3.89 42.48 -0.76
C GLU A 53 2.46 42.22 -0.29
N VAL A 54 2.30 41.42 0.76
CA VAL A 54 0.94 41.20 1.25
C VAL A 54 0.31 42.52 1.69
N ILE A 55 1.10 43.35 2.37
CA ILE A 55 0.57 44.63 2.85
C ILE A 55 0.20 45.54 1.66
N ALA A 56 1.08 45.60 0.65
CA ALA A 56 0.82 46.46 -0.52
C ALA A 56 -0.42 46.05 -1.30
N GLU A 57 -0.65 44.74 -1.39
CA GLU A 57 -1.77 44.24 -2.18
C GLU A 57 -3.09 44.23 -1.47
N ASN A 58 -3.07 44.51 -0.18
CA ASN A 58 -4.30 44.48 0.60
C ASN A 58 -4.43 45.73 1.43
N PRO A 59 -4.52 46.88 0.75
CA PRO A 59 -4.65 48.11 1.49
C PRO A 59 -6.00 48.19 2.19
N GLY A 60 -6.01 48.83 3.36
CA GLY A 60 -7.22 48.99 4.14
C GLY A 60 -7.57 47.79 4.98
N LYS A 61 -6.77 46.73 4.89
CA LYS A 61 -7.06 45.55 5.70
C LYS A 61 -6.31 45.65 7.01
N LYS A 62 -6.91 45.09 8.06
CA LYS A 62 -6.36 45.13 9.41
C LYS A 62 -5.27 44.05 9.64
N LEU A 63 -4.25 44.13 8.81
CA LEU A 63 -3.11 43.25 8.90
C LEU A 63 -1.99 44.14 9.48
N VAL A 64 -1.30 43.66 10.50
CA VAL A 64 -0.22 44.42 11.08
C VAL A 64 1.04 43.59 10.82
N PRO A 65 1.94 44.10 9.97
CA PRO A 65 3.18 43.38 9.66
C PRO A 65 4.30 43.53 10.70
N TYR A 66 4.97 42.41 11.00
CA TYR A 66 6.13 42.42 11.89
C TYR A 66 7.28 41.84 11.10
N TYR A 67 8.48 42.33 11.44
CA TYR A 67 9.65 41.92 10.69
C TYR A 67 10.70 41.16 11.49
N THR A 68 10.48 41.02 12.80
CA THR A 68 11.35 40.15 13.58
C THR A 68 10.42 39.24 14.35
N VAL A 69 10.88 38.04 14.64
CA VAL A 69 10.04 37.09 15.36
C VAL A 69 9.69 37.61 16.76
N LYS A 70 10.67 38.22 17.43
CA LYS A 70 10.41 38.77 18.77
C LYS A 70 9.26 39.75 18.75
N GLU A 71 9.28 40.71 17.84
CA GLU A 71 8.22 41.71 17.83
C GLU A 71 6.87 41.08 17.44
N PHE A 72 6.91 40.11 16.56
CA PHE A 72 5.68 39.42 16.15
C PHE A 72 5.07 38.75 17.38
N VAL A 73 5.86 38.02 18.14
CA VAL A 73 5.34 37.29 19.33
C VAL A 73 4.83 38.28 20.37
N GLU A 74 5.59 39.36 20.58
CA GLU A 74 5.17 40.36 21.57
C GLU A 74 3.88 41.08 21.18
N SER A 75 3.52 41.05 19.90
CA SER A 75 2.27 41.72 19.46
C SER A 75 0.97 40.97 19.81
N LEU A 76 1.11 39.74 20.29
CA LEU A 76 -0.04 38.88 20.55
C LEU A 76 -0.49 38.81 22.00
N GLU A 77 -1.80 38.85 22.20
CA GLU A 77 -2.30 38.75 23.55
C GLU A 77 -2.12 37.31 24.02
N THR A 78 -1.89 37.13 25.31
CA THR A 78 -1.67 35.79 25.82
C THR A 78 -3.02 35.22 26.28
N PRO A 79 -3.22 33.92 26.15
CA PRO A 79 -2.29 32.90 25.59
C PRO A 79 -2.20 33.17 24.09
N ARG A 80 -0.96 33.17 23.58
CA ARG A 80 -0.77 33.51 22.20
C ARG A 80 -1.33 32.47 21.25
N ARG A 81 -1.89 32.91 20.13
CA ARG A 81 -2.39 31.97 19.13
C ARG A 81 -1.57 32.27 17.90
N ILE A 82 -0.72 31.31 17.50
CA ILE A 82 0.17 31.52 16.35
C ILE A 82 -0.11 30.43 15.32
N LEU A 83 -0.54 30.85 14.11
CA LEU A 83 -0.83 29.88 13.04
C LEU A 83 0.40 29.79 12.14
N LEU A 84 0.98 28.62 12.00
CA LEU A 84 2.16 28.42 11.14
C LEU A 84 1.71 27.84 9.80
N MET A 85 2.05 28.56 8.73
CA MET A 85 1.79 28.11 7.35
C MET A 85 3.13 28.22 6.59
N VAL A 86 4.03 27.29 6.90
CA VAL A 86 5.38 27.30 6.31
C VAL A 86 5.65 25.97 5.64
N LYS A 87 6.88 25.77 5.17
CA LYS A 87 7.22 24.51 4.54
C LYS A 87 7.23 23.32 5.50
N ALA A 88 6.70 22.18 5.09
CA ALA A 88 6.72 21.00 5.96
C ALA A 88 8.15 20.53 6.15
N GLY A 89 8.42 19.88 7.28
CA GLY A 89 9.75 19.37 7.56
C GLY A 89 10.59 20.35 8.38
N ALA A 90 11.83 20.52 7.94
CA ALA A 90 12.74 21.42 8.60
C ALA A 90 12.17 22.84 8.75
N GLY A 91 11.44 23.34 7.77
CA GLY A 91 10.91 24.70 7.87
C GLY A 91 9.93 24.83 9.03
N THR A 92 9.18 23.77 9.32
CA THR A 92 8.23 23.82 10.44
C THR A 92 8.97 23.78 11.75
N ASP A 93 9.96 22.90 11.86
CA ASP A 93 10.72 22.87 13.11
C ASP A 93 11.52 24.14 13.28
N ALA A 94 12.02 24.74 12.18
CA ALA A 94 12.77 25.98 12.31
C ALA A 94 11.86 27.10 12.77
N ALA A 95 10.63 27.09 12.26
CA ALA A 95 9.68 28.14 12.66
C ALA A 95 9.39 27.99 14.16
N ILE A 96 9.10 26.77 14.59
CA ILE A 96 8.80 26.52 16.02
C ILE A 96 9.97 26.94 16.88
N ASP A 97 11.17 26.51 16.50
CA ASP A 97 12.35 26.89 17.26
C ASP A 97 12.61 28.41 17.32
N SER A 98 12.25 29.13 16.28
CA SER A 98 12.44 30.58 16.24
C SER A 98 11.47 31.28 17.19
N LEU A 99 10.31 30.66 17.42
CA LEU A 99 9.29 31.26 18.31
C LEU A 99 9.54 30.95 19.78
N LYS A 100 10.00 29.74 20.07
CA LYS A 100 10.19 29.29 21.46
C LYS A 100 10.76 30.23 22.49
N PRO A 101 11.87 30.91 22.19
CA PRO A 101 12.47 31.83 23.18
C PRO A 101 11.56 32.96 23.67
N TYR A 102 10.53 33.28 22.90
CA TYR A 102 9.64 34.39 23.22
C TYR A 102 8.30 33.97 23.75
N LEU A 103 8.04 32.68 23.75
CA LEU A 103 6.72 32.21 24.20
C LEU A 103 6.59 32.04 25.69
N ASP A 104 5.34 32.12 26.14
CA ASP A 104 5.00 31.88 27.53
C ASP A 104 4.29 30.56 27.68
N LYS A 105 4.37 29.97 28.86
CA LYS A 105 3.68 28.73 29.15
C LYS A 105 2.21 28.94 28.84
N GLY A 106 1.63 27.98 28.14
CA GLY A 106 0.23 28.07 27.78
C GLY A 106 0.00 28.58 26.36
N ASP A 107 1.03 29.17 25.73
CA ASP A 107 0.83 29.67 24.38
C ASP A 107 0.48 28.49 23.47
N ILE A 108 -0.15 28.81 22.34
CA ILE A 108 -0.68 27.80 21.41
C ILE A 108 -0.13 27.99 20.00
N ILE A 109 0.57 26.97 19.49
CA ILE A 109 1.10 27.01 18.13
C ILE A 109 0.18 26.09 17.34
N ILE A 110 -0.26 26.56 16.18
CA ILE A 110 -1.16 25.80 15.30
C ILE A 110 -0.41 25.56 14.00
N ASP A 111 -0.18 24.29 13.65
CA ASP A 111 0.52 23.99 12.40
C ASP A 111 -0.53 23.60 11.38
N GLY A 112 -0.75 24.47 10.38
CA GLY A 112 -1.76 24.21 9.38
C GLY A 112 -1.22 23.62 8.09
N GLY A 113 0.03 23.20 8.14
CA GLY A 113 0.65 22.60 6.97
C GLY A 113 0.17 21.17 6.72
N ASN A 114 0.59 20.58 5.60
CA ASN A 114 0.17 19.20 5.28
C ASN A 114 1.29 18.31 5.84
N THR A 115 1.22 18.18 7.17
CA THR A 115 2.22 17.48 7.95
C THR A 115 1.85 16.03 8.18
N PHE A 116 2.85 15.16 8.16
CA PHE A 116 2.58 13.75 8.41
C PHE A 116 2.22 13.69 9.89
N PHE A 117 1.20 12.91 10.23
CA PHE A 117 0.70 12.94 11.61
C PHE A 117 1.64 12.52 12.67
N GLN A 118 2.58 11.62 12.38
CA GLN A 118 3.52 11.21 13.41
C GLN A 118 4.44 12.36 13.80
N ASP A 119 4.66 13.29 12.86
CA ASP A 119 5.54 14.44 13.17
C ASP A 119 4.77 15.35 14.12
N THR A 120 3.47 15.45 13.90
CA THR A 120 2.65 16.24 14.83
C THR A 120 2.61 15.58 16.22
N ILE A 121 2.51 14.24 16.27
CA ILE A 121 2.54 13.56 17.59
C ILE A 121 3.85 13.89 18.31
N ARG A 122 4.97 13.80 17.60
CA ARG A 122 6.26 14.11 18.17
C ARG A 122 6.33 15.58 18.65
N ARG A 123 5.94 16.51 17.79
CA ARG A 123 6.00 17.94 18.16
C ARG A 123 5.08 18.26 19.33
N ASN A 124 3.87 17.67 19.31
CA ASN A 124 2.91 17.91 20.39
C ASN A 124 3.50 17.42 21.73
N ARG A 125 4.15 16.26 21.71
CA ARG A 125 4.71 15.71 22.95
C ARG A 125 5.90 16.54 23.45
N GLU A 126 6.80 16.93 22.53
CA GLU A 126 7.98 17.72 22.91
C GLU A 126 7.60 19.10 23.42
N LEU A 127 6.68 19.75 22.71
CA LEU A 127 6.26 21.09 23.12
C LEU A 127 5.48 21.05 24.42
N SER A 128 4.69 20.00 24.62
CA SER A 128 3.91 19.90 25.87
C SER A 128 4.88 19.84 27.05
N ALA A 129 5.98 19.11 26.88
CA ALA A 129 6.93 19.05 28.00
C ALA A 129 7.59 20.41 28.27
N GLU A 130 7.58 21.32 27.30
CA GLU A 130 8.16 22.64 27.46
C GLU A 130 7.11 23.66 27.88
N GLY A 131 5.89 23.17 28.10
CA GLY A 131 4.76 23.98 28.54
C GLY A 131 3.94 24.67 27.46
N PHE A 132 4.09 24.23 26.21
CA PHE A 132 3.36 24.88 25.10
C PHE A 132 2.36 23.92 24.48
N ASN A 133 1.24 24.46 24.02
CA ASN A 133 0.18 23.69 23.36
C ASN A 133 0.48 23.66 21.88
N PHE A 134 0.02 22.59 21.23
CA PHE A 134 0.27 22.43 19.80
C PHE A 134 -0.91 21.79 19.14
N ILE A 135 -1.44 22.48 18.14
CA ILE A 135 -2.57 21.95 17.42
C ILE A 135 -2.11 21.71 15.99
N GLY A 136 -2.19 20.47 15.53
CA GLY A 136 -1.87 20.16 14.14
C GLY A 136 -3.20 20.17 13.45
N THR A 137 -3.36 21.00 12.42
CA THR A 137 -4.65 21.05 11.78
C THR A 137 -4.58 20.95 10.29
N GLY A 138 -5.46 20.12 9.74
CA GLY A 138 -5.57 20.14 8.30
C GLY A 138 -6.43 21.31 7.84
N VAL A 139 -6.17 21.83 6.66
CA VAL A 139 -6.95 22.91 6.08
C VAL A 139 -7.21 22.44 4.64
N SER A 140 -8.48 22.27 4.29
CA SER A 140 -8.75 21.79 2.91
C SER A 140 -9.60 22.79 2.18
N GLY A 141 -9.37 22.91 0.87
CA GLY A 141 -10.15 23.84 0.06
C GLY A 141 -9.34 24.61 -0.96
N GLY A 142 -8.01 24.45 -0.99
CA GLY A 142 -7.20 25.19 -1.94
C GLY A 142 -7.05 26.65 -1.54
N GLU A 143 -6.41 27.46 -2.38
CA GLU A 143 -6.19 28.88 -2.09
C GLU A 143 -7.49 29.63 -1.96
N GLU A 144 -8.45 29.33 -2.81
CA GLU A 144 -9.73 30.00 -2.70
C GLU A 144 -10.44 29.61 -1.42
N GLY A 145 -10.40 28.33 -1.07
CA GLY A 145 -11.04 27.92 0.18
C GLY A 145 -10.35 28.56 1.38
N ALA A 146 -9.03 28.68 1.36
CA ALA A 146 -8.34 29.27 2.50
C ALA A 146 -8.83 30.71 2.71
N LEU A 147 -9.09 31.42 1.62
CA LEU A 147 -9.50 32.81 1.71
C LEU A 147 -10.96 32.99 2.12
N LYS A 148 -11.80 32.12 1.61
CA LYS A 148 -13.25 32.26 1.81
C LYS A 148 -13.95 31.33 2.78
N GLY A 149 -13.36 30.15 2.99
CA GLY A 149 -13.98 29.19 3.90
C GLY A 149 -13.50 27.79 3.64
N PRO A 150 -12.50 27.31 4.39
CA PRO A 150 -11.99 25.95 4.21
C PRO A 150 -12.64 25.00 5.18
N SER A 151 -12.39 23.69 5.00
CA SER A 151 -12.82 22.73 6.01
C SER A 151 -11.55 22.70 6.94
N ILE A 152 -11.73 22.74 8.26
CA ILE A 152 -10.59 22.77 9.19
C ILE A 152 -10.66 21.57 10.11
N MET A 153 -9.55 20.82 10.21
CA MET A 153 -9.49 19.56 10.97
C MET A 153 -8.37 19.61 12.02
N PRO A 154 -8.66 20.22 13.18
CA PRO A 154 -7.65 20.34 14.22
C PRO A 154 -7.59 19.25 15.27
N GLY A 155 -6.34 18.88 15.62
CA GLY A 155 -6.13 17.93 16.70
C GLY A 155 -5.05 18.50 17.63
N GLY A 156 -5.14 18.15 18.91
CA GLY A 156 -4.17 18.67 19.88
C GLY A 156 -4.87 18.77 21.24
N GLN A 157 -4.36 19.58 22.14
CA GLN A 157 -5.02 19.68 23.48
C GLN A 157 -6.41 20.22 23.33
N LYS A 158 -7.39 19.58 23.96
CA LYS A 158 -8.76 20.04 23.86
C LYS A 158 -8.96 21.45 24.38
N GLU A 159 -8.30 21.79 25.50
CA GLU A 159 -8.52 23.12 26.00
C GLU A 159 -7.93 24.17 25.08
N ALA A 160 -6.84 23.83 24.37
CA ALA A 160 -6.23 24.79 23.44
C ALA A 160 -7.19 24.95 22.25
N TYR A 161 -7.80 23.85 21.81
CA TYR A 161 -8.78 23.98 20.76
C TYR A 161 -9.91 24.93 21.21
N GLU A 162 -10.39 24.77 22.44
CA GLU A 162 -11.50 25.61 22.89
C GLU A 162 -11.11 27.08 22.82
N LEU A 163 -9.82 27.37 23.06
CA LEU A 163 -9.34 28.76 23.02
C LEU A 163 -9.19 29.36 21.62
N VAL A 164 -9.14 28.50 20.59
CA VAL A 164 -9.05 29.04 19.24
C VAL A 164 -10.32 28.78 18.46
N ALA A 165 -11.25 28.02 19.04
CA ALA A 165 -12.48 27.68 18.30
C ALA A 165 -13.28 28.87 17.83
N PRO A 166 -13.40 29.95 18.63
CA PRO A 166 -14.19 31.08 18.10
C PRO A 166 -13.62 31.61 16.76
N ILE A 167 -12.30 31.66 16.63
CA ILE A 167 -11.72 32.14 15.39
C ILE A 167 -11.91 31.12 14.27
N LEU A 168 -11.64 29.86 14.56
CA LEU A 168 -11.78 28.85 13.51
C LEU A 168 -13.21 28.68 13.01
N THR A 169 -14.18 28.81 13.91
CA THR A 169 -15.55 28.65 13.46
C THR A 169 -15.96 29.82 12.60
N LYS A 170 -15.43 31.01 12.89
CA LYS A 170 -15.77 32.14 12.02
C LYS A 170 -15.19 32.04 10.61
N ILE A 171 -14.00 31.47 10.48
CA ILE A 171 -13.40 31.40 9.13
C ILE A 171 -13.73 30.17 8.33
N ALA A 172 -14.33 29.17 8.95
CA ALA A 172 -14.63 27.92 8.25
C ALA A 172 -15.75 28.01 7.23
N ALA A 173 -15.72 27.12 6.25
CA ALA A 173 -16.84 27.02 5.29
C ALA A 173 -18.07 26.64 6.11
N VAL A 174 -19.28 26.87 5.56
CA VAL A 174 -20.51 26.54 6.27
C VAL A 174 -21.30 25.54 5.46
N ALA A 175 -21.88 24.56 6.15
CA ALA A 175 -22.66 23.54 5.47
C ALA A 175 -24.03 24.12 5.17
N GLU A 176 -24.83 23.38 4.40
CA GLU A 176 -26.19 23.82 4.03
C GLU A 176 -27.03 24.17 5.24
N ASP A 177 -26.85 23.41 6.32
CA ASP A 177 -27.63 23.64 7.53
C ASP A 177 -27.07 24.75 8.40
N GLY A 178 -26.04 25.44 7.91
CA GLY A 178 -25.41 26.51 8.65
C GLY A 178 -24.31 26.13 9.64
N GLU A 179 -23.96 24.86 9.75
CA GLU A 179 -22.91 24.49 10.72
C GLU A 179 -21.51 24.69 10.13
N PRO A 180 -20.60 25.28 10.92
CA PRO A 180 -19.23 25.52 10.44
C PRO A 180 -18.49 24.19 10.27
N CYS A 181 -17.66 24.13 9.23
CA CYS A 181 -16.92 22.91 8.93
C CYS A 181 -15.60 22.87 9.66
N VAL A 182 -15.70 22.86 10.98
CA VAL A 182 -14.59 22.69 11.88
C VAL A 182 -15.16 21.98 13.12
N THR A 183 -14.37 21.11 13.72
CA THR A 183 -14.77 20.41 14.94
C THR A 183 -13.51 19.95 15.62
N TYR A 184 -13.55 19.70 16.92
CA TYR A 184 -12.34 19.18 17.59
C TYR A 184 -12.21 17.74 17.17
N ILE A 185 -11.13 17.39 16.44
CA ILE A 185 -11.01 16.01 15.97
C ILE A 185 -10.56 15.04 17.06
N GLY A 186 -9.53 15.42 17.78
CA GLY A 186 -9.05 14.54 18.84
C GLY A 186 -7.69 15.04 19.26
N ALA A 187 -7.02 14.27 20.08
CA ALA A 187 -5.72 14.62 20.65
C ALA A 187 -4.60 14.51 19.65
N ASP A 188 -3.49 15.16 19.99
CA ASP A 188 -2.26 15.13 19.24
C ASP A 188 -2.39 15.12 17.74
N GLY A 189 -2.00 14.03 17.08
CA GLY A 189 -2.03 14.10 15.63
C GLY A 189 -3.30 13.69 14.90
N ALA A 190 -4.42 13.63 15.61
CA ALA A 190 -5.64 13.16 14.98
C ALA A 190 -6.14 14.05 13.84
N GLY A 191 -5.93 15.35 13.96
CA GLY A 191 -6.39 16.26 12.91
C GLY A 191 -5.57 16.07 11.61
N HIS A 192 -4.25 15.99 11.76
CA HIS A 192 -3.44 15.78 10.53
C HIS A 192 -3.69 14.38 9.99
N TYR A 193 -4.08 13.41 10.82
CA TYR A 193 -4.39 12.09 10.30
C TYR A 193 -5.65 12.17 9.47
N VAL A 194 -6.66 12.89 9.99
CA VAL A 194 -7.92 13.03 9.26
C VAL A 194 -7.73 13.77 7.92
N LYS A 195 -6.87 14.79 7.89
CA LYS A 195 -6.57 15.55 6.66
C LYS A 195 -5.93 14.59 5.66
N MET A 196 -5.05 13.74 6.15
CA MET A 196 -4.38 12.75 5.26
C MET A 196 -5.46 11.85 4.61
N VAL A 197 -6.40 11.37 5.42
CA VAL A 197 -7.44 10.47 4.90
C VAL A 197 -8.32 11.23 3.91
N HIS A 198 -8.59 12.52 4.21
CA HIS A 198 -9.34 13.28 3.24
C HIS A 198 -8.61 13.28 1.88
N ASN A 199 -7.29 13.47 1.91
CA ASN A 199 -6.53 13.51 0.67
C ASN A 199 -6.54 12.12 0.00
N GLY A 200 -6.47 11.06 0.77
CA GLY A 200 -6.56 9.73 0.17
C GLY A 200 -7.90 9.54 -0.54
N ILE A 201 -8.98 9.92 0.13
CA ILE A 201 -10.28 9.82 -0.46
C ILE A 201 -10.37 10.66 -1.74
N GLU A 202 -9.77 11.86 -1.73
CA GLU A 202 -9.78 12.74 -2.91
C GLU A 202 -9.09 12.01 -4.10
N TYR A 203 -7.99 11.35 -3.80
CA TYR A 203 -7.29 10.60 -4.86
C TYR A 203 -8.21 9.56 -5.41
N GLY A 204 -8.96 8.87 -4.54
CA GLY A 204 -9.83 7.85 -5.04
C GLY A 204 -10.93 8.44 -5.90
N ASP A 205 -11.51 9.54 -5.43
CA ASP A 205 -12.60 10.13 -6.22
C ASP A 205 -12.14 10.60 -7.60
N MET A 206 -10.93 11.14 -7.66
CA MET A 206 -10.37 11.57 -8.93
C MET A 206 -10.12 10.39 -9.84
N GLN A 207 -9.62 9.27 -9.29
CA GLN A 207 -9.37 8.14 -10.14
C GLN A 207 -10.68 7.52 -10.63
N LEU A 208 -11.72 7.53 -9.77
CA LEU A 208 -12.99 6.97 -10.20
C LEU A 208 -13.53 7.80 -11.36
N ILE A 209 -13.44 9.11 -11.24
CA ILE A 209 -13.93 9.98 -12.33
C ILE A 209 -13.09 9.76 -13.59
N ALA A 210 -11.78 9.57 -13.42
CA ALA A 210 -10.92 9.33 -14.57
C ALA A 210 -11.33 8.05 -15.31
N GLU A 211 -11.70 7.00 -14.56
CA GLU A 211 -12.13 5.77 -15.22
C GLU A 211 -13.44 6.00 -15.94
N ALA A 212 -14.33 6.81 -15.34
CA ALA A 212 -15.61 7.09 -16.03
C ALA A 212 -15.31 7.80 -17.34
N TYR A 213 -14.39 8.74 -17.31
CA TYR A 213 -13.99 9.45 -18.54
C TYR A 213 -13.43 8.44 -19.57
N SER A 214 -12.53 7.55 -19.14
CA SER A 214 -11.97 6.53 -20.07
C SER A 214 -13.04 5.68 -20.72
N LEU A 215 -14.04 5.31 -19.91
CA LEU A 215 -15.14 4.44 -20.44
C LEU A 215 -16.01 5.18 -21.43
N LEU A 216 -16.34 6.41 -21.07
CA LEU A 216 -17.21 7.20 -21.96
C LEU A 216 -16.55 7.57 -23.26
N LYS A 217 -15.28 7.96 -23.19
CA LYS A 217 -14.55 8.32 -24.39
C LYS A 217 -14.18 7.10 -25.20
N GLY A 218 -13.67 6.07 -24.53
CA GLY A 218 -13.28 4.86 -25.25
C GLY A 218 -14.42 3.97 -25.69
N GLY A 219 -15.48 3.87 -24.89
CA GLY A 219 -16.60 3.01 -25.26
C GLY A 219 -17.64 3.67 -26.15
N LEU A 220 -17.93 4.95 -25.93
CA LEU A 220 -18.94 5.64 -26.75
C LEU A 220 -18.39 6.70 -27.66
N ASN A 221 -17.10 6.96 -27.56
CA ASN A 221 -16.48 8.00 -28.34
C ASN A 221 -17.15 9.38 -28.12
N LEU A 222 -17.59 9.65 -26.89
CA LEU A 222 -18.19 10.97 -26.63
C LEU A 222 -17.20 12.11 -26.90
N THR A 223 -17.71 13.23 -27.44
CA THR A 223 -16.85 14.37 -27.70
C THR A 223 -16.73 15.08 -26.34
N ASN A 224 -15.83 16.05 -26.25
CA ASN A 224 -15.69 16.81 -25.00
C ASN A 224 -16.98 17.55 -24.67
N GLU A 225 -17.69 18.06 -25.68
CA GLU A 225 -18.95 18.71 -25.36
C GLU A 225 -19.93 17.68 -24.77
N GLU A 226 -19.96 16.46 -25.30
CA GLU A 226 -20.85 15.44 -24.75
C GLU A 226 -20.44 15.01 -23.33
N LEU A 227 -19.13 14.98 -23.09
CA LEU A 227 -18.66 14.63 -21.75
C LEU A 227 -19.06 15.73 -20.79
N ALA A 228 -18.90 17.00 -21.22
CA ALA A 228 -19.28 18.11 -20.33
C ALA A 228 -20.77 18.03 -20.00
N GLN A 229 -21.59 17.73 -21.01
CA GLN A 229 -23.06 17.61 -20.80
C GLN A 229 -23.36 16.44 -19.86
N THR A 230 -22.62 15.34 -20.02
CA THR A 230 -22.83 14.19 -19.16
C THR A 230 -22.53 14.47 -17.71
N PHE A 231 -21.37 15.07 -17.44
CA PHE A 231 -20.98 15.38 -16.08
C PHE A 231 -21.92 16.46 -15.49
N THR A 232 -22.39 17.36 -16.34
CA THR A 232 -23.36 18.37 -15.89
C THR A 232 -24.63 17.67 -15.37
N GLU A 233 -25.17 16.73 -16.14
CA GLU A 233 -26.37 16.01 -15.72
C GLU A 233 -26.12 15.16 -14.45
N TRP A 234 -24.96 14.51 -14.38
CA TRP A 234 -24.66 13.75 -13.21
C TRP A 234 -24.60 14.65 -11.99
N ASN A 235 -24.06 15.87 -12.16
CA ASN A 235 -23.89 16.81 -11.06
C ASN A 235 -25.25 17.31 -10.56
N ASN A 236 -26.30 17.10 -11.36
CA ASN A 236 -27.65 17.53 -10.94
C ASN A 236 -28.35 16.48 -10.07
N GLY A 237 -27.80 15.27 -10.03
CA GLY A 237 -28.35 14.21 -9.22
C GLY A 237 -27.53 13.87 -7.97
N GLU A 238 -27.63 12.61 -7.55
CA GLU A 238 -26.99 12.13 -6.33
C GLU A 238 -25.46 12.22 -6.34
N LEU A 239 -24.85 12.31 -7.50
CA LEU A 239 -23.36 12.41 -7.60
C LEU A 239 -22.89 13.86 -7.41
N SER A 240 -23.82 14.79 -7.20
CA SER A 240 -23.49 16.21 -7.06
C SER A 240 -22.26 16.35 -6.17
N SER A 241 -21.19 16.93 -6.70
CA SER A 241 -19.97 17.10 -5.92
C SER A 241 -19.08 18.15 -6.55
N TYR A 242 -18.18 18.73 -5.77
CA TYR A 242 -17.28 19.73 -6.31
C TYR A 242 -16.44 19.09 -7.41
N LEU A 243 -15.93 17.87 -7.18
CA LEU A 243 -15.10 17.33 -8.25
C LEU A 243 -15.83 17.07 -9.58
N ILE A 244 -17.10 16.67 -9.55
CA ILE A 244 -17.82 16.44 -10.79
C ILE A 244 -18.12 17.80 -11.43
N ASP A 245 -18.46 18.78 -10.60
CA ASP A 245 -18.74 20.13 -11.10
C ASP A 245 -17.53 20.74 -11.84
N ILE A 246 -16.32 20.61 -11.28
CA ILE A 246 -15.19 21.21 -11.97
C ILE A 246 -14.82 20.42 -13.21
N THR A 247 -15.14 19.12 -13.20
CA THR A 247 -14.83 18.26 -14.37
C THR A 247 -15.65 18.70 -15.57
N LYS A 248 -16.92 19.07 -15.34
CA LYS A 248 -17.75 19.54 -16.45
C LYS A 248 -17.13 20.83 -16.98
N ASP A 249 -16.57 21.65 -16.10
CA ASP A 249 -15.91 22.89 -16.58
C ASP A 249 -14.66 22.59 -17.41
N ILE A 250 -13.88 21.61 -16.96
CA ILE A 250 -12.68 21.25 -17.67
C ILE A 250 -12.94 20.77 -19.09
N PHE A 251 -14.02 20.01 -19.31
CA PHE A 251 -14.30 19.51 -20.64
C PHE A 251 -14.89 20.57 -21.58
N THR A 252 -15.12 21.75 -21.04
CA THR A 252 -15.66 22.86 -21.84
C THR A 252 -14.53 23.82 -22.24
N LYS A 253 -13.45 23.82 -21.45
CA LYS A 253 -12.37 24.78 -21.68
C LYS A 253 -11.60 24.64 -22.97
N LYS A 254 -11.65 25.69 -23.77
CA LYS A 254 -10.95 25.67 -25.04
C LYS A 254 -9.65 26.44 -25.01
N ASP A 255 -8.69 25.92 -25.76
CA ASP A 255 -7.38 26.53 -25.85
C ASP A 255 -7.46 27.50 -27.04
N GLU A 256 -6.42 28.29 -27.25
CA GLU A 256 -6.41 29.26 -28.36
C GLU A 256 -6.89 28.75 -29.71
N ASP A 257 -6.23 27.72 -30.24
CA ASP A 257 -6.58 27.16 -31.53
C ASP A 257 -8.04 26.68 -31.66
N GLY A 258 -8.85 26.88 -30.63
CA GLY A 258 -10.24 26.46 -30.69
C GLY A 258 -10.41 24.99 -30.33
N ASN A 259 -9.30 24.34 -29.96
CA ASN A 259 -9.35 22.94 -29.56
C ASN A 259 -9.39 22.92 -28.03
N TYR A 260 -9.74 21.79 -27.47
CA TYR A 260 -9.84 21.67 -26.02
C TYR A 260 -8.52 21.51 -25.32
N LEU A 261 -8.38 22.20 -24.21
CA LEU A 261 -7.15 22.18 -23.45
C LEU A 261 -6.82 20.82 -22.81
N VAL A 262 -7.84 20.14 -22.33
CA VAL A 262 -7.57 18.89 -21.62
C VAL A 262 -6.89 17.88 -22.51
N ASP A 263 -7.07 18.01 -23.82
CA ASP A 263 -6.43 17.06 -24.72
C ASP A 263 -4.96 17.25 -24.97
N VAL A 264 -4.41 18.40 -24.58
CA VAL A 264 -2.95 18.55 -24.76
C VAL A 264 -2.18 18.50 -23.45
N ILE A 265 -2.86 18.13 -22.36
CA ILE A 265 -2.15 18.06 -21.08
C ILE A 265 -1.39 16.75 -20.96
N LEU A 266 -0.16 16.83 -20.53
CA LEU A 266 0.69 15.62 -20.37
C LEU A 266 0.02 14.77 -19.27
N ASP A 267 -0.17 13.48 -19.57
CA ASP A 267 -0.87 12.54 -18.67
C ASP A 267 0.03 11.89 -17.64
N GLU A 268 0.69 12.75 -16.84
CA GLU A 268 1.59 12.28 -15.78
C GLU A 268 1.12 12.97 -14.50
N ALA A 269 0.41 12.20 -13.68
CA ALA A 269 -0.18 12.71 -12.45
C ALA A 269 0.80 12.77 -11.34
N ALA A 270 1.00 13.97 -10.81
CA ALA A 270 1.94 14.17 -9.70
C ALA A 270 1.26 13.95 -8.37
N ASN A 271 2.03 14.11 -7.29
CA ASN A 271 1.45 13.97 -5.94
C ASN A 271 2.39 14.53 -4.90
N LYS A 272 1.80 14.97 -3.78
CA LYS A 272 2.54 15.53 -2.66
C LYS A 272 2.45 14.67 -1.38
N GLY A 273 2.40 13.35 -1.56
CA GLY A 273 2.40 12.44 -0.41
C GLY A 273 1.21 11.90 0.39
N THR A 274 0.15 12.64 0.59
CA THR A 274 -0.95 12.20 1.47
C THR A 274 -1.64 10.92 0.97
N GLY A 275 -1.56 10.71 -0.34
CA GLY A 275 -2.18 9.54 -0.93
C GLY A 275 -1.34 8.36 -0.55
N LYS A 276 -0.01 8.53 -0.79
CA LYS A 276 0.92 7.44 -0.43
C LYS A 276 0.81 7.28 1.06
N TRP A 277 0.75 8.38 1.81
CA TRP A 277 0.66 8.16 3.28
C TRP A 277 -0.57 7.39 3.77
N THR A 278 -1.74 7.68 3.18
CA THR A 278 -2.94 6.99 3.62
C THR A 278 -2.83 5.49 3.39
N SER A 279 -2.25 5.13 2.24
CA SER A 279 -2.10 3.70 1.93
C SER A 279 -1.05 3.04 2.81
N GLN A 280 0.04 3.76 3.10
CA GLN A 280 1.05 3.17 3.98
C GLN A 280 0.45 2.95 5.37
N SER A 281 -0.42 3.87 5.80
CA SER A 281 -1.10 3.71 7.10
C SER A 281 -2.08 2.53 7.07
N ALA A 282 -2.83 2.37 5.99
CA ALA A 282 -3.72 1.18 5.87
C ALA A 282 -2.87 -0.10 6.01
N LEU A 283 -1.70 -0.09 5.37
CA LEU A 283 -0.85 -1.29 5.47
C LEU A 283 -0.38 -1.53 6.91
N ASP A 284 -0.03 -0.45 7.63
CA ASP A 284 0.38 -0.57 9.01
C ASP A 284 -0.76 -1.00 9.92
N LEU A 285 -1.98 -0.57 9.60
CA LEU A 285 -3.13 -0.86 10.44
C LEU A 285 -3.90 -2.12 10.13
N GLY A 286 -3.56 -2.77 9.01
CA GLY A 286 -4.30 -4.00 8.70
C GLY A 286 -5.64 -3.72 7.98
N GLU A 287 -5.77 -2.55 7.35
CA GLU A 287 -7.00 -2.17 6.67
C GLU A 287 -6.91 -2.42 5.18
N PRO A 288 -7.95 -3.05 4.59
CA PRO A 288 -7.90 -3.35 3.15
C PRO A 288 -8.32 -2.17 2.28
N LEU A 289 -7.44 -1.17 2.17
CA LEU A 289 -7.76 0.06 1.46
C LEU A 289 -7.38 -0.02 0.01
N SER A 290 -8.01 -0.95 -0.68
CA SER A 290 -7.65 -1.18 -2.05
C SER A 290 -7.97 -0.08 -3.05
N LEU A 291 -9.09 0.61 -2.89
CA LEU A 291 -9.44 1.59 -3.89
C LEU A 291 -8.51 2.81 -3.92
N ILE A 292 -8.31 3.42 -2.76
CA ILE A 292 -7.42 4.57 -2.69
C ILE A 292 -5.98 4.12 -3.06
N THR A 293 -5.58 2.92 -2.65
CA THR A 293 -4.24 2.49 -2.96
C THR A 293 -4.07 2.29 -4.46
N GLU A 294 -5.07 1.69 -5.11
CA GLU A 294 -4.96 1.52 -6.57
C GLU A 294 -4.95 2.89 -7.24
N SER A 295 -5.59 3.91 -6.63
CA SER A 295 -5.56 5.29 -7.21
C SER A 295 -4.14 5.86 -7.12
N VAL A 296 -3.44 5.57 -6.02
CA VAL A 296 -2.05 6.00 -5.92
C VAL A 296 -1.23 5.28 -7.00
N PHE A 297 -1.36 3.96 -7.10
CA PHE A 297 -0.60 3.23 -8.14
C PHE A 297 -0.97 3.69 -9.56
N ALA A 298 -2.20 4.16 -9.77
CA ALA A 298 -2.55 4.65 -11.11
C ALA A 298 -1.79 5.97 -11.39
N ARG A 299 -1.60 6.80 -10.36
CA ARG A 299 -0.78 7.99 -10.61
C ARG A 299 0.67 7.54 -10.88
N TYR A 300 1.16 6.55 -10.13
CA TYR A 300 2.53 6.09 -10.34
C TYR A 300 2.73 5.57 -11.75
N ILE A 301 1.78 4.77 -12.25
CA ILE A 301 2.01 4.24 -13.60
C ILE A 301 1.84 5.36 -14.66
N SER A 302 1.03 6.36 -14.36
CA SER A 302 0.95 7.47 -15.30
C SER A 302 2.30 8.20 -15.37
N SER A 303 3.05 8.22 -14.27
CA SER A 303 4.34 8.89 -14.24
C SER A 303 5.46 8.08 -14.89
N LEU A 304 5.16 6.86 -15.32
CA LEU A 304 6.14 6.05 -16.03
C LEU A 304 5.77 6.19 -17.52
N LYS A 305 5.60 7.43 -17.98
CA LYS A 305 5.20 7.60 -19.39
C LYS A 305 6.22 7.02 -20.40
N ASP A 306 7.52 7.19 -20.20
CA ASP A 306 8.44 6.65 -21.19
C ASP A 306 8.29 5.16 -21.33
N GLN A 307 8.11 4.49 -20.19
CA GLN A 307 7.91 3.03 -20.25
C GLN A 307 6.58 2.69 -20.93
N ARG A 308 5.51 3.45 -20.62
CA ARG A 308 4.23 3.15 -21.27
C ARG A 308 4.30 3.32 -22.79
N VAL A 309 4.96 4.39 -23.23
CA VAL A 309 5.04 4.58 -24.67
C VAL A 309 5.86 3.45 -25.29
N ALA A 310 6.94 3.05 -24.64
CA ALA A 310 7.72 1.94 -25.17
C ALA A 310 6.88 0.65 -25.22
N ALA A 311 6.12 0.40 -24.15
CA ALA A 311 5.30 -0.79 -24.12
C ALA A 311 4.17 -0.79 -25.15
N SER A 312 3.68 0.41 -25.42
CA SER A 312 2.59 0.53 -26.37
C SER A 312 2.97 0.13 -27.77
N LYS A 313 4.27 0.13 -28.04
CA LYS A 313 4.77 -0.23 -29.36
C LYS A 313 5.05 -1.73 -29.45
N VAL A 314 5.00 -2.43 -28.32
CA VAL A 314 5.33 -3.86 -28.25
C VAL A 314 4.14 -4.75 -27.89
N LEU A 315 3.37 -4.32 -26.91
CA LEU A 315 2.30 -5.16 -26.37
C LEU A 315 1.03 -4.92 -27.14
N SER A 316 0.25 -5.99 -27.24
CA SER A 316 -1.03 -6.01 -27.95
C SER A 316 -2.23 -6.17 -27.00
N GLY A 317 -3.40 -5.81 -27.50
CA GLY A 317 -4.61 -5.99 -26.69
C GLY A 317 -5.83 -5.79 -27.55
N PRO A 318 -7.00 -5.98 -26.97
CA PRO A 318 -8.23 -5.81 -27.74
C PRO A 318 -8.53 -4.32 -27.90
N GLN A 319 -9.52 -4.07 -28.73
CA GLN A 319 -9.98 -2.70 -28.88
C GLN A 319 -11.38 -2.66 -28.32
N ALA A 320 -11.90 -1.45 -28.15
CA ALA A 320 -13.22 -1.30 -27.55
C ALA A 320 -14.34 -2.12 -28.20
N GLN A 321 -15.16 -2.76 -27.37
CA GLN A 321 -16.26 -3.58 -27.83
C GLN A 321 -17.51 -2.74 -28.08
N PRO A 322 -18.48 -3.29 -28.84
CA PRO A 322 -19.73 -2.55 -29.10
C PRO A 322 -20.32 -2.16 -27.74
N ALA A 323 -20.65 -0.90 -27.58
CA ALA A 323 -21.15 -0.42 -26.29
C ALA A 323 -22.68 -0.57 -26.09
N GLY A 324 -23.41 -0.75 -27.19
CA GLY A 324 -24.84 -0.91 -27.02
C GLY A 324 -25.51 0.45 -26.99
N ASP A 325 -26.74 0.49 -26.48
CA ASP A 325 -27.48 1.74 -26.40
C ASP A 325 -26.70 2.80 -25.62
N LYS A 326 -26.54 3.99 -26.20
CA LYS A 326 -25.82 5.06 -25.56
C LYS A 326 -26.34 5.46 -24.19
N ALA A 327 -27.63 5.79 -24.09
CA ALA A 327 -28.13 6.20 -22.78
C ALA A 327 -27.94 5.14 -21.71
N GLU A 328 -28.14 3.89 -22.10
CA GLU A 328 -28.00 2.80 -21.15
C GLU A 328 -26.56 2.66 -20.67
N PHE A 329 -25.61 2.83 -21.59
CA PHE A 329 -24.18 2.72 -21.21
C PHE A 329 -23.85 3.87 -20.24
N ILE A 330 -24.26 5.10 -20.58
CA ILE A 330 -24.00 6.22 -19.72
C ILE A 330 -24.57 6.00 -18.31
N GLU A 331 -25.81 5.46 -18.19
CA GLU A 331 -26.38 5.23 -16.89
C GLU A 331 -25.64 4.12 -16.11
N LYS A 332 -25.15 3.10 -16.82
CA LYS A 332 -24.36 2.09 -16.10
C LYS A 332 -23.05 2.69 -15.55
N VAL A 333 -22.38 3.52 -16.32
CA VAL A 333 -21.13 4.15 -15.82
C VAL A 333 -21.45 5.07 -14.64
N ARG A 334 -22.58 5.80 -14.73
CA ARG A 334 -22.95 6.68 -13.64
C ARG A 334 -23.14 5.90 -12.33
N ARG A 335 -23.86 4.79 -12.43
CA ARG A 335 -24.14 3.94 -11.28
C ARG A 335 -22.85 3.34 -10.75
N ALA A 336 -21.96 2.93 -11.67
CA ALA A 336 -20.68 2.33 -11.26
C ALA A 336 -19.84 3.33 -10.46
N LEU A 337 -19.79 4.55 -10.97
CA LEU A 337 -19.07 5.64 -10.30
C LEU A 337 -19.63 5.88 -8.89
N TYR A 338 -20.96 5.97 -8.77
CA TYR A 338 -21.50 6.24 -7.45
C TYR A 338 -21.25 5.07 -6.48
N LEU A 339 -21.42 3.83 -6.91
CA LEU A 339 -21.20 2.69 -6.01
C LEU A 339 -19.69 2.59 -5.69
N GLY A 340 -18.88 2.93 -6.69
CA GLY A 340 -17.44 2.91 -6.46
C GLY A 340 -17.08 3.91 -5.36
N LYS A 341 -17.69 5.10 -5.39
CA LYS A 341 -17.44 6.06 -4.32
C LYS A 341 -17.87 5.48 -2.97
N ILE A 342 -19.03 4.85 -2.92
CA ILE A 342 -19.50 4.27 -1.68
C ILE A 342 -18.49 3.27 -1.13
N VAL A 343 -17.93 2.46 -2.01
CA VAL A 343 -16.96 1.49 -1.51
C VAL A 343 -15.70 2.19 -1.00
N SER A 344 -15.27 3.20 -1.74
CA SER A 344 -14.04 3.87 -1.34
C SER A 344 -14.19 4.52 0.05
N TYR A 345 -15.34 5.16 0.25
CA TYR A 345 -15.58 5.79 1.56
C TYR A 345 -15.80 4.76 2.64
N ALA A 346 -16.46 3.63 2.34
CA ALA A 346 -16.58 2.62 3.39
C ALA A 346 -15.17 2.17 3.81
N GLN A 347 -14.25 1.99 2.84
CA GLN A 347 -12.88 1.58 3.21
C GLN A 347 -12.19 2.69 4.04
N GLY A 348 -12.38 3.94 3.62
CA GLY A 348 -11.71 5.05 4.31
C GLY A 348 -12.26 5.21 5.74
N PHE A 349 -13.58 5.09 5.88
CA PHE A 349 -14.10 5.28 7.25
C PHE A 349 -13.75 4.10 8.12
N SER A 350 -13.65 2.90 7.53
CA SER A 350 -13.20 1.79 8.35
C SER A 350 -11.72 2.07 8.81
N GLN A 351 -10.88 2.65 7.94
CA GLN A 351 -9.51 2.99 8.33
C GLN A 351 -9.52 4.03 9.46
N LEU A 352 -10.43 5.00 9.41
CA LEU A 352 -10.50 6.01 10.49
C LEU A 352 -10.77 5.29 11.79
N ARG A 353 -11.64 4.26 11.78
CA ARG A 353 -11.87 3.52 13.01
C ARG A 353 -10.62 2.78 13.52
N ALA A 354 -9.89 2.13 12.61
CA ALA A 354 -8.67 1.41 13.02
C ALA A 354 -7.64 2.39 13.59
N ALA A 355 -7.55 3.57 12.98
CA ALA A 355 -6.56 4.55 13.44
C ALA A 355 -6.96 5.06 14.81
N SER A 356 -8.25 5.40 14.91
CA SER A 356 -8.77 5.87 16.22
C SER A 356 -8.41 4.89 17.34
N GLU A 357 -8.62 3.60 17.10
CA GLU A 357 -8.25 2.57 18.08
C GLU A 357 -6.75 2.49 18.33
N GLU A 358 -5.94 2.49 17.28
CA GLU A 358 -4.51 2.40 17.48
C GLU A 358 -3.87 3.60 18.20
N TYR A 359 -4.30 4.81 17.84
CA TYR A 359 -3.72 6.05 18.36
C TYR A 359 -4.48 6.70 19.50
N ASN A 360 -5.53 6.01 19.95
CA ASN A 360 -6.35 6.40 21.08
C ASN A 360 -7.00 7.75 20.97
N TRP A 361 -7.70 7.95 19.86
CA TRP A 361 -8.34 9.22 19.60
C TRP A 361 -9.84 9.33 19.84
N ASP A 362 -10.52 8.20 20.00
CA ASP A 362 -11.97 8.23 20.18
C ASP A 362 -12.63 9.18 19.16
N LEU A 363 -12.37 8.91 17.88
CA LEU A 363 -12.90 9.79 16.82
C LEU A 363 -14.41 9.77 16.70
N ASN A 364 -14.95 10.90 16.33
CA ASN A 364 -16.40 10.97 16.14
C ASN A 364 -16.58 10.99 14.62
N TYR A 365 -16.92 9.83 14.07
CA TYR A 365 -17.02 9.71 12.61
C TYR A 365 -18.08 10.55 11.96
N GLY A 366 -19.24 10.71 12.61
CA GLY A 366 -20.28 11.56 12.05
C GLY A 366 -19.87 13.03 12.03
N GLU A 367 -19.15 13.48 13.06
CA GLU A 367 -18.70 14.87 13.08
C GLU A 367 -17.63 15.11 12.01
N ILE A 368 -16.84 14.07 11.73
CA ILE A 368 -15.81 14.20 10.67
C ILE A 368 -16.52 14.32 9.31
N ALA A 369 -17.51 13.46 9.05
CA ALA A 369 -18.23 13.56 7.79
C ALA A 369 -18.90 14.92 7.68
N LYS A 370 -19.44 15.43 8.79
CA LYS A 370 -20.11 16.72 8.72
C LYS A 370 -19.18 17.84 8.26
N ILE A 371 -17.91 17.82 8.69
CA ILE A 371 -17.05 18.93 8.26
C ILE A 371 -16.54 18.75 6.83
N PHE A 372 -16.80 17.58 6.22
CA PHE A 372 -16.41 17.36 4.82
C PHE A 372 -17.58 17.74 3.88
N ARG A 373 -18.70 18.21 4.42
CA ARG A 373 -19.83 18.59 3.59
C ARG A 373 -19.62 19.88 2.79
N ALA A 374 -18.67 20.71 3.20
CA ALA A 374 -18.38 21.97 2.49
C ALA A 374 -16.90 22.30 2.69
N GLY A 375 -16.40 23.31 1.98
CA GLY A 375 -15.00 23.72 2.13
C GLY A 375 -13.94 22.82 1.50
N CYS A 376 -13.94 21.54 1.85
CA CYS A 376 -12.89 20.62 1.35
C CYS A 376 -13.10 20.22 -0.11
N ILE A 377 -12.08 19.56 -0.68
CA ILE A 377 -12.17 19.15 -2.08
C ILE A 377 -13.18 18.06 -2.35
N ILE A 378 -13.35 17.14 -1.40
CA ILE A 378 -14.31 16.05 -1.61
C ILE A 378 -15.77 16.44 -1.29
N ARG A 379 -16.01 17.72 -1.02
CA ARG A 379 -17.39 18.11 -0.66
C ARG A 379 -18.41 17.64 -1.67
N ALA A 380 -19.55 17.18 -1.12
CA ALA A 380 -20.61 16.65 -1.95
C ALA A 380 -21.81 16.40 -1.06
N GLN A 381 -22.98 16.35 -1.67
CA GLN A 381 -24.16 16.05 -0.86
C GLN A 381 -24.03 14.64 -0.32
N PHE A 382 -23.19 13.85 -0.98
CA PHE A 382 -22.91 12.49 -0.55
C PHE A 382 -22.48 12.43 0.95
N LEU A 383 -21.74 13.44 1.40
CA LEU A 383 -21.28 13.44 2.78
C LEU A 383 -22.41 13.53 3.75
N GLN A 384 -23.55 14.08 3.33
CA GLN A 384 -24.69 14.09 4.24
C GLN A 384 -25.23 12.65 4.44
N LYS A 385 -25.19 11.82 3.39
CA LYS A 385 -25.67 10.44 3.55
C LYS A 385 -24.76 9.73 4.54
N ILE A 386 -23.44 10.00 4.47
CA ILE A 386 -22.56 9.37 5.46
C ILE A 386 -22.83 9.90 6.87
N THR A 387 -22.98 11.22 6.96
CA THR A 387 -23.30 11.84 8.27
C THR A 387 -24.54 11.16 8.84
N ASP A 388 -25.58 11.03 8.02
CA ASP A 388 -26.81 10.36 8.46
C ASP A 388 -26.60 8.92 8.96
N ALA A 389 -25.77 8.16 8.24
CA ALA A 389 -25.55 6.78 8.63
C ALA A 389 -24.80 6.74 9.95
N CYS A 390 -23.86 7.65 10.13
CA CYS A 390 -23.10 7.64 11.37
C CYS A 390 -23.98 8.08 12.54
N ALA A 391 -24.90 9.00 12.27
CA ALA A 391 -25.80 9.51 13.31
C ALA A 391 -26.67 8.38 13.84
N GLU A 392 -27.20 7.57 12.93
CA GLU A 392 -28.06 6.49 13.36
C GLU A 392 -27.28 5.33 14.03
N ASN A 393 -26.00 5.19 13.70
CA ASN A 393 -25.17 4.10 14.24
C ASN A 393 -23.73 4.58 14.34
N PRO A 394 -23.39 5.35 15.39
CA PRO A 394 -22.05 5.91 15.64
C PRO A 394 -20.84 4.99 15.54
N GLN A 395 -21.00 3.72 15.88
CA GLN A 395 -19.87 2.81 15.81
C GLN A 395 -20.09 1.78 14.69
N ILE A 396 -20.83 2.17 13.67
CA ILE A 396 -21.08 1.26 12.56
C ILE A 396 -19.72 0.76 12.09
N ALA A 397 -19.61 -0.54 11.88
CA ALA A 397 -18.32 -1.14 11.48
C ALA A 397 -17.94 -0.85 10.05
N ASN A 398 -18.95 -0.74 9.20
CA ASN A 398 -18.68 -0.49 7.79
C ASN A 398 -19.93 0.15 7.17
N LEU A 399 -19.72 1.23 6.43
CA LEU A 399 -20.81 1.95 5.81
C LEU A 399 -21.68 1.13 4.88
N LEU A 400 -21.13 0.06 4.30
CA LEU A 400 -21.92 -0.76 3.37
C LEU A 400 -23.15 -1.34 4.08
N LEU A 401 -23.09 -1.44 5.41
CA LEU A 401 -24.18 -2.04 6.16
C LEU A 401 -25.28 -1.04 6.44
N ALA A 402 -25.02 0.24 6.23
CA ALA A 402 -26.07 1.25 6.53
C ALA A 402 -27.18 1.06 5.52
N PRO A 403 -28.45 1.17 5.95
CA PRO A 403 -29.55 0.97 5.03
C PRO A 403 -29.49 1.64 3.67
N TYR A 404 -29.16 2.94 3.65
CA TYR A 404 -29.09 3.67 2.38
C TYR A 404 -28.03 3.06 1.45
N PHE A 405 -26.86 2.76 2.00
CA PHE A 405 -25.79 2.24 1.17
C PHE A 405 -26.05 0.81 0.72
N LYS A 406 -26.65 0.02 1.60
CA LYS A 406 -26.97 -1.36 1.26
C LYS A 406 -27.96 -1.35 0.09
N GLN A 407 -28.91 -0.41 0.11
CA GLN A 407 -29.90 -0.32 -0.96
C GLN A 407 -29.25 0.12 -2.28
N ILE A 408 -28.28 1.05 -2.21
CA ILE A 408 -27.63 1.49 -3.44
C ILE A 408 -26.86 0.27 -3.97
N ALA A 409 -26.17 -0.47 -3.09
CA ALA A 409 -25.42 -1.64 -3.62
C ALA A 409 -26.38 -2.63 -4.24
N ASP A 410 -27.54 -2.82 -3.61
CA ASP A 410 -28.52 -3.76 -4.18
C ASP A 410 -28.89 -3.36 -5.61
N ASP A 411 -29.10 -2.07 -5.78
CA ASP A 411 -29.60 -1.60 -7.08
C ASP A 411 -28.60 -1.30 -8.16
N TYR A 412 -27.37 -0.94 -7.74
CA TYR A 412 -26.36 -0.48 -8.69
C TYR A 412 -25.23 -1.50 -8.94
N GLN A 413 -25.17 -2.57 -8.17
CA GLN A 413 -24.04 -3.48 -8.39
C GLN A 413 -24.02 -4.13 -9.74
N GLN A 414 -25.18 -4.41 -10.33
CA GLN A 414 -25.10 -5.07 -11.65
C GLN A 414 -24.53 -4.15 -12.71
N ALA A 415 -24.87 -2.84 -12.63
CA ALA A 415 -24.27 -1.89 -13.56
C ALA A 415 -22.75 -1.89 -13.37
N LEU A 416 -22.30 -1.88 -12.12
CA LEU A 416 -20.83 -1.87 -11.88
C LEU A 416 -20.22 -3.15 -12.51
N ARG A 417 -20.86 -4.28 -12.27
CA ARG A 417 -20.33 -5.51 -12.84
C ARG A 417 -20.29 -5.45 -14.36
N ASP A 418 -21.36 -4.94 -15.00
CA ASP A 418 -21.38 -4.82 -16.45
C ASP A 418 -20.29 -3.88 -16.94
N VAL A 419 -20.03 -2.80 -16.21
CA VAL A 419 -19.00 -1.85 -16.65
C VAL A 419 -17.63 -2.49 -16.58
N VAL A 420 -17.37 -3.17 -15.47
CA VAL A 420 -16.06 -3.80 -15.37
C VAL A 420 -15.88 -4.90 -16.43
N ALA A 421 -16.89 -5.72 -16.65
CA ALA A 421 -16.75 -6.77 -17.67
C ALA A 421 -16.55 -6.15 -19.07
N TYR A 422 -17.26 -5.05 -19.36
CA TYR A 422 -17.08 -4.38 -20.64
C TYR A 422 -15.65 -3.84 -20.77
N ALA A 423 -15.15 -3.20 -19.71
CA ALA A 423 -13.82 -2.58 -19.78
C ALA A 423 -12.72 -3.64 -19.99
N VAL A 424 -12.84 -4.76 -19.28
CA VAL A 424 -11.85 -5.82 -19.36
C VAL A 424 -11.87 -6.43 -20.75
N GLN A 425 -13.06 -6.62 -21.31
CA GLN A 425 -13.06 -7.13 -22.68
C GLN A 425 -12.60 -6.13 -23.74
N ASN A 426 -12.65 -4.85 -23.41
CA ASN A 426 -12.27 -3.78 -24.32
C ASN A 426 -10.87 -3.26 -24.18
N GLY A 427 -10.14 -3.73 -23.16
CA GLY A 427 -8.78 -3.26 -22.99
C GLY A 427 -8.70 -1.90 -22.28
N ILE A 428 -9.81 -1.42 -21.68
CA ILE A 428 -9.81 -0.12 -20.99
C ILE A 428 -9.50 -0.41 -19.51
N PRO A 429 -8.40 0.17 -18.96
CA PRO A 429 -8.05 -0.10 -17.56
C PRO A 429 -9.02 0.51 -16.56
N VAL A 430 -9.53 -0.30 -15.64
CA VAL A 430 -10.45 0.23 -14.62
C VAL A 430 -10.01 -0.31 -13.26
N PRO A 431 -8.83 0.14 -12.79
CA PRO A 431 -8.35 -0.37 -11.50
C PRO A 431 -9.25 -0.14 -10.32
N THR A 432 -9.81 1.07 -10.18
CA THR A 432 -10.65 1.28 -9.04
C THR A 432 -12.05 0.69 -9.16
N PHE A 433 -12.62 0.65 -10.36
CA PHE A 433 -13.94 0.01 -10.47
C PHE A 433 -13.75 -1.49 -10.18
N SER A 434 -12.63 -2.06 -10.64
CA SER A 434 -12.33 -3.49 -10.38
C SER A 434 -12.12 -3.72 -8.89
N ALA A 435 -11.40 -2.83 -8.24
CA ALA A 435 -11.12 -2.97 -6.82
C ALA A 435 -12.45 -2.86 -6.09
N ALA A 436 -13.36 -1.98 -6.56
CA ALA A 436 -14.66 -1.85 -5.84
C ALA A 436 -15.42 -3.18 -5.85
N VAL A 437 -15.47 -3.86 -7.00
CA VAL A 437 -16.20 -5.13 -7.08
C VAL A 437 -15.54 -6.19 -6.23
N ALA A 438 -14.19 -6.28 -6.27
CA ALA A 438 -13.53 -7.31 -5.50
C ALA A 438 -13.73 -7.11 -4.01
N TYR A 439 -13.72 -5.85 -3.58
CA TYR A 439 -13.93 -5.59 -2.15
C TYR A 439 -15.37 -5.96 -1.75
N TYR A 440 -16.34 -5.55 -2.55
CA TYR A 440 -17.72 -5.82 -2.21
C TYR A 440 -17.94 -7.35 -2.14
N ASP A 441 -17.40 -8.08 -3.12
CA ASP A 441 -17.61 -9.54 -3.13
C ASP A 441 -16.82 -10.28 -2.05
N SER A 442 -15.75 -9.62 -1.55
CA SER A 442 -14.94 -10.23 -0.48
C SER A 442 -15.53 -9.92 0.88
N TYR A 443 -16.02 -8.71 1.04
CA TYR A 443 -16.57 -8.29 2.34
C TYR A 443 -17.83 -9.06 2.64
N ARG A 444 -18.60 -9.39 1.61
CA ARG A 444 -19.87 -10.11 1.88
C ARG A 444 -19.70 -11.64 1.86
N ALA A 445 -18.47 -12.12 1.66
CA ALA A 445 -18.24 -13.57 1.61
C ALA A 445 -17.97 -14.14 2.99
N ALA A 446 -18.84 -15.03 3.46
CA ALA A 446 -18.63 -15.60 4.78
C ALA A 446 -17.34 -16.42 4.82
N VAL A 447 -17.03 -17.07 3.69
CA VAL A 447 -15.83 -17.88 3.58
C VAL A 447 -15.05 -17.41 2.34
N LEU A 448 -13.77 -17.13 2.57
CA LEU A 448 -12.83 -16.72 1.53
C LEU A 448 -11.78 -17.81 1.40
N PRO A 449 -11.01 -17.80 0.29
CA PRO A 449 -9.98 -18.83 0.12
C PRO A 449 -8.75 -18.72 0.99
N ALA A 450 -8.79 -17.90 2.04
CA ALA A 450 -7.70 -17.81 2.98
C ALA A 450 -7.54 -19.15 3.75
N ASN A 451 -8.55 -20.01 3.70
CA ASN A 451 -8.36 -21.34 4.31
C ASN A 451 -7.18 -22.08 3.61
N LEU A 452 -7.09 -21.98 2.28
CA LEU A 452 -6.01 -22.61 1.54
C LEU A 452 -4.65 -21.91 1.86
N ILE A 453 -4.68 -20.59 1.95
CA ILE A 453 -3.48 -19.83 2.29
C ILE A 453 -2.96 -20.27 3.66
N GLN A 454 -3.87 -20.44 4.61
CA GLN A 454 -3.41 -20.85 5.96
C GLN A 454 -2.86 -22.29 5.92
N ALA A 455 -3.48 -23.15 5.10
CA ALA A 455 -3.01 -24.54 4.99
C ALA A 455 -1.62 -24.51 4.38
N GLN A 456 -1.41 -23.67 3.37
CA GLN A 456 -0.10 -23.56 2.73
C GLN A 456 0.98 -23.07 3.72
N ARG A 457 0.65 -22.06 4.52
CA ARG A 457 1.62 -21.52 5.48
C ARG A 457 1.96 -22.58 6.53
N ASP A 458 0.99 -23.40 6.91
CA ASP A 458 1.32 -24.45 7.89
C ASP A 458 2.16 -25.56 7.26
N TYR A 459 1.88 -25.88 6.00
CA TYR A 459 2.60 -26.90 5.28
C TYR A 459 4.05 -26.50 5.14
N PHE A 460 4.31 -25.30 4.59
CA PHE A 460 5.72 -24.98 4.36
C PHE A 460 6.47 -24.35 5.51
N GLY A 461 5.77 -23.64 6.40
CA GLY A 461 6.50 -22.95 7.47
C GLY A 461 6.10 -23.32 8.88
N ALA A 462 5.24 -24.34 9.05
CA ALA A 462 4.73 -24.77 10.35
C ALA A 462 4.14 -23.59 11.13
N HIS A 463 3.46 -22.67 10.43
CA HIS A 463 2.90 -21.53 11.13
C HIS A 463 1.65 -21.71 12.00
N THR A 464 1.06 -22.89 11.96
CA THR A 464 -0.18 -23.26 12.66
C THR A 464 -1.39 -22.54 12.06
N TYR A 465 -2.56 -23.11 12.33
CA TYR A 465 -3.82 -22.57 11.89
C TYR A 465 -4.91 -22.78 12.97
N LYS A 466 -6.01 -22.09 12.80
CA LYS A 466 -7.14 -22.24 13.70
C LYS A 466 -8.19 -23.01 12.97
N ARG A 467 -9.14 -23.58 13.71
CA ARG A 467 -10.20 -24.33 13.07
C ARG A 467 -11.54 -23.66 13.29
N ILE A 468 -12.51 -23.95 12.43
CA ILE A 468 -13.82 -23.33 12.59
C ILE A 468 -14.69 -24.13 13.60
N ASP A 469 -14.24 -25.33 13.97
CA ASP A 469 -15.03 -26.15 14.86
C ASP A 469 -14.46 -26.49 16.22
N LYS A 470 -13.29 -25.97 16.55
CA LYS A 470 -12.59 -26.24 17.80
C LYS A 470 -11.69 -25.06 18.11
N GLU A 471 -11.57 -24.72 19.38
CA GLU A 471 -10.70 -23.64 19.78
C GLU A 471 -9.26 -24.12 19.74
N GLY A 472 -8.32 -23.19 19.68
CA GLY A 472 -6.93 -23.59 19.70
C GLY A 472 -6.17 -23.45 18.38
N VAL A 473 -4.85 -23.60 18.47
CA VAL A 473 -4.03 -23.50 17.27
C VAL A 473 -3.58 -24.91 16.96
N PHE A 474 -3.51 -25.23 15.67
CA PHE A 474 -3.16 -26.59 15.27
C PHE A 474 -2.02 -26.63 14.24
N HIS A 475 -1.29 -27.75 14.19
CA HIS A 475 -0.24 -27.90 13.20
C HIS A 475 -0.43 -29.29 12.67
N THR A 476 -0.35 -29.44 11.36
CA THR A 476 -0.55 -30.72 10.72
C THR A 476 0.74 -31.18 10.10
N GLU A 477 1.02 -32.48 10.18
CA GLU A 477 2.23 -33.01 9.55
C GLU A 477 1.65 -33.36 8.20
N TRP A 478 1.83 -32.46 7.23
CA TRP A 478 1.26 -32.67 5.92
C TRP A 478 2.04 -33.71 5.09
N SER B 14 37.77 -28.97 21.85
CA SER B 14 37.90 -28.46 20.47
C SER B 14 36.91 -27.34 20.33
N LYS B 15 37.05 -26.60 19.26
CA LYS B 15 36.13 -25.52 19.02
C LYS B 15 35.28 -25.87 17.81
N GLN B 16 34.07 -25.30 17.75
CA GLN B 16 33.17 -25.56 16.61
C GLN B 16 33.45 -24.56 15.50
N GLN B 17 33.17 -24.98 14.27
CA GLN B 17 33.46 -24.15 13.12
C GLN B 17 32.49 -23.02 12.91
N ILE B 18 31.27 -23.19 13.43
CA ILE B 18 30.22 -22.19 13.25
C ILE B 18 29.19 -22.37 14.34
N GLY B 19 28.49 -21.31 14.66
CA GLY B 19 27.44 -21.38 15.66
C GLY B 19 26.15 -20.74 15.14
N VAL B 20 25.01 -21.21 15.62
CA VAL B 20 23.72 -20.66 15.21
C VAL B 20 22.96 -20.22 16.46
N VAL B 21 22.46 -18.99 16.43
CA VAL B 21 21.63 -18.43 17.49
C VAL B 21 20.20 -18.37 16.94
N GLY B 22 19.26 -18.98 17.66
CA GLY B 22 17.84 -18.93 17.23
C GLY B 22 17.44 -20.33 16.85
N MET B 23 16.73 -21.01 17.76
CA MET B 23 16.32 -22.40 17.53
C MET B 23 14.84 -22.58 17.22
N ALA B 24 14.23 -21.55 16.62
CA ALA B 24 12.86 -21.67 16.13
C ALA B 24 13.02 -22.57 14.89
N VAL B 25 11.92 -22.85 14.19
CA VAL B 25 11.97 -23.78 13.05
C VAL B 25 13.10 -23.58 12.04
N MET B 26 13.24 -22.39 11.51
CA MET B 26 14.23 -22.16 10.49
C MET B 26 15.62 -22.27 11.02
N GLY B 27 15.85 -21.71 12.21
CA GLY B 27 17.20 -21.74 12.76
C GLY B 27 17.65 -23.12 13.14
N ARG B 28 16.75 -23.87 13.78
CA ARG B 28 17.15 -25.24 14.16
C ARG B 28 17.44 -26.07 12.91
N ASN B 29 16.59 -25.94 11.91
CA ASN B 29 16.80 -26.73 10.67
C ASN B 29 18.04 -26.25 9.90
N LEU B 30 18.37 -24.97 9.96
CA LEU B 30 19.57 -24.54 9.26
C LEU B 30 20.76 -25.12 10.02
N ALA B 31 20.68 -25.18 11.35
CA ALA B 31 21.81 -25.79 12.12
C ALA B 31 21.95 -27.28 11.72
N LEU B 32 20.83 -27.98 11.55
CA LEU B 32 20.92 -29.37 11.13
C LEU B 32 21.45 -29.49 9.70
N ASN B 33 21.08 -28.54 8.83
CA ASN B 33 21.59 -28.53 7.45
C ASN B 33 23.13 -28.43 7.52
N ILE B 34 23.62 -27.42 8.25
CA ILE B 34 25.09 -27.24 8.39
C ILE B 34 25.76 -28.53 8.94
N GLU B 35 25.15 -29.12 9.96
CA GLU B 35 25.71 -30.34 10.57
C GLU B 35 25.76 -31.47 9.54
N SER B 36 24.77 -31.54 8.65
CA SER B 36 24.73 -32.60 7.67
C SER B 36 25.85 -32.47 6.65
N ARG B 37 26.53 -31.31 6.59
CA ARG B 37 27.64 -31.15 5.62
C ARG B 37 28.97 -31.47 6.31
N GLY B 38 28.89 -31.93 7.57
CA GLY B 38 30.09 -32.37 8.28
C GLY B 38 30.58 -31.49 9.41
N TYR B 39 29.98 -30.30 9.57
CA TYR B 39 30.42 -29.38 10.62
C TYR B 39 29.85 -29.74 11.98
N THR B 40 30.54 -29.33 13.03
CA THR B 40 30.06 -29.49 14.41
C THR B 40 29.58 -28.07 14.69
N VAL B 41 28.32 -27.97 15.10
CA VAL B 41 27.66 -26.68 15.23
C VAL B 41 27.27 -26.29 16.67
N SER B 42 27.77 -25.14 17.13
CA SER B 42 27.31 -24.66 18.44
C SER B 42 25.94 -24.07 18.26
N ILE B 43 25.06 -24.32 19.21
CA ILE B 43 23.71 -23.72 19.12
C ILE B 43 23.34 -23.02 20.42
N PHE B 44 22.56 -21.94 20.30
CA PHE B 44 22.10 -21.19 21.47
C PHE B 44 20.72 -20.62 21.18
N ASN B 45 19.87 -20.59 22.20
CA ASN B 45 18.58 -19.93 22.09
C ASN B 45 18.28 -19.23 23.40
N ARG B 46 17.70 -18.02 23.36
CA ARG B 46 17.41 -17.28 24.60
C ARG B 46 16.46 -18.08 25.52
N SER B 47 15.52 -18.81 24.90
CA SER B 47 14.64 -19.69 25.66
C SER B 47 15.39 -21.00 25.64
N ARG B 48 16.00 -21.30 26.77
CA ARG B 48 16.91 -22.45 26.83
C ARG B 48 16.24 -23.81 26.69
N GLU B 49 14.97 -23.87 27.05
CA GLU B 49 14.27 -25.15 26.91
C GLU B 49 14.20 -25.59 25.46
N LYS B 50 14.20 -24.64 24.52
CA LYS B 50 14.15 -25.02 23.09
C LYS B 50 15.45 -25.67 22.67
N THR B 51 16.56 -25.20 23.23
CA THR B 51 17.85 -25.83 22.91
C THR B 51 17.84 -27.28 23.43
N GLU B 52 17.34 -27.49 24.63
CA GLU B 52 17.29 -28.86 25.16
C GLU B 52 16.49 -29.74 24.26
N GLU B 53 15.35 -29.22 23.78
CA GLU B 53 14.49 -29.99 22.89
C GLU B 53 15.20 -30.37 21.60
N VAL B 54 15.96 -29.43 21.01
CA VAL B 54 16.68 -29.75 19.79
C VAL B 54 17.65 -30.90 20.03
N ILE B 55 18.34 -30.88 21.16
CA ILE B 55 19.30 -31.94 21.47
C ILE B 55 18.59 -33.28 21.69
N ALA B 56 17.52 -33.26 22.46
CA ALA B 56 16.78 -34.49 22.74
C ALA B 56 16.18 -35.10 21.49
N GLU B 57 15.77 -34.26 20.55
CA GLU B 57 15.17 -34.76 19.32
C GLU B 57 16.15 -35.16 18.23
N ASN B 58 17.42 -34.83 18.40
CA ASN B 58 18.45 -35.11 17.37
C ASN B 58 19.67 -35.81 17.95
N PRO B 59 19.46 -36.97 18.60
CA PRO B 59 20.58 -37.69 19.17
C PRO B 59 21.62 -38.07 18.13
N GLY B 60 22.90 -38.02 18.50
CA GLY B 60 23.92 -38.46 17.55
C GLY B 60 24.37 -37.44 16.53
N LYS B 61 23.73 -36.26 16.53
CA LYS B 61 24.12 -35.24 15.54
C LYS B 61 25.21 -34.40 16.20
N LYS B 62 26.07 -33.80 15.37
CA LYS B 62 27.18 -32.97 15.85
C LYS B 62 26.70 -31.57 16.22
N LEU B 63 25.77 -31.50 17.17
CA LEU B 63 25.25 -30.23 17.67
C LEU B 63 25.79 -30.07 19.10
N VAL B 64 26.25 -28.88 19.46
CA VAL B 64 26.74 -28.72 20.83
C VAL B 64 25.94 -27.57 21.41
N PRO B 65 25.14 -27.85 22.42
CA PRO B 65 24.31 -26.80 23.03
C PRO B 65 25.01 -25.92 24.04
N TYR B 66 24.64 -24.63 24.01
CA TYR B 66 25.17 -23.65 24.97
C TYR B 66 24.03 -22.95 25.64
N TYR B 67 24.28 -22.59 26.89
CA TYR B 67 23.24 -22.01 27.75
C TYR B 67 23.55 -20.62 28.26
N THR B 68 24.67 -20.06 27.81
CA THR B 68 24.93 -18.62 28.07
C THR B 68 25.56 -18.15 26.76
N VAL B 69 25.39 -16.87 26.45
CA VAL B 69 26.03 -16.33 25.25
C VAL B 69 27.56 -16.35 25.32
N LYS B 70 28.08 -16.02 26.51
CA LYS B 70 29.53 -16.03 26.69
C LYS B 70 30.12 -17.38 26.30
N GLU B 71 29.52 -18.46 26.81
CA GLU B 71 30.07 -19.79 26.49
C GLU B 71 29.87 -20.16 25.03
N PHE B 72 28.73 -19.76 24.48
CA PHE B 72 28.50 -19.99 23.08
C PHE B 72 29.60 -19.32 22.23
N VAL B 73 29.87 -18.04 22.48
CA VAL B 73 30.88 -17.37 21.69
C VAL B 73 32.26 -18.00 21.89
N GLU B 74 32.60 -18.32 23.12
CA GLU B 74 33.93 -18.89 23.42
C GLU B 74 34.14 -20.26 22.77
N SER B 75 33.05 -20.92 22.40
CA SER B 75 33.14 -22.25 21.82
C SER B 75 33.54 -22.25 20.35
N LEU B 76 33.58 -21.05 19.73
CA LEU B 76 33.81 -20.98 18.30
C LEU B 76 35.25 -20.75 17.88
N GLU B 77 35.68 -21.47 16.85
CA GLU B 77 37.02 -21.26 16.33
C GLU B 77 37.08 -19.85 15.72
N THR B 78 38.23 -19.20 15.88
CA THR B 78 38.37 -17.84 15.38
C THR B 78 39.07 -17.83 14.02
N PRO B 79 38.69 -16.88 13.13
CA PRO B 79 37.67 -15.85 13.34
C PRO B 79 36.30 -16.53 13.39
N ARG B 80 35.50 -16.08 14.32
CA ARG B 80 34.22 -16.73 14.56
C ARG B 80 33.17 -16.48 13.47
N ARG B 81 32.35 -17.51 13.20
CA ARG B 81 31.22 -17.38 12.26
C ARG B 81 29.99 -17.65 13.09
N ILE B 82 29.10 -16.67 13.16
CA ILE B 82 27.88 -16.80 13.96
C ILE B 82 26.72 -16.43 13.02
N LEU B 83 25.80 -17.38 12.86
CA LEU B 83 24.61 -17.16 12.04
C LEU B 83 23.42 -16.91 13.00
N LEU B 84 22.75 -15.76 12.88
CA LEU B 84 21.59 -15.46 13.74
C LEU B 84 20.31 -15.71 12.92
N MET B 85 19.36 -16.42 13.53
CA MET B 85 18.09 -16.73 12.88
C MET B 85 17.06 -16.43 13.97
N VAL B 86 16.96 -15.17 14.35
CA VAL B 86 16.08 -14.73 15.43
C VAL B 86 14.95 -13.89 14.90
N LYS B 87 13.87 -13.83 15.66
CA LYS B 87 12.71 -13.01 15.25
C LYS B 87 13.15 -11.59 14.90
N ALA B 88 12.59 -11.05 13.82
CA ALA B 88 12.95 -9.71 13.38
C ALA B 88 12.60 -8.62 14.38
N GLY B 89 13.43 -7.59 14.40
CA GLY B 89 13.18 -6.46 15.27
C GLY B 89 14.01 -6.46 16.54
N ALA B 90 13.37 -6.10 17.64
CA ALA B 90 14.04 -6.01 18.94
C ALA B 90 14.81 -7.29 19.30
N GLY B 91 14.21 -8.44 19.00
CA GLY B 91 14.85 -9.73 19.28
C GLY B 91 16.20 -9.85 18.61
N THR B 92 16.27 -9.52 17.32
CA THR B 92 17.53 -9.57 16.57
C THR B 92 18.49 -8.50 17.08
N ASP B 93 17.97 -7.31 17.34
CA ASP B 93 18.84 -6.25 17.81
C ASP B 93 19.48 -6.66 19.14
N ALA B 94 18.67 -7.23 20.01
CA ALA B 94 19.19 -7.63 21.32
C ALA B 94 20.18 -8.79 21.22
N ALA B 95 19.91 -9.72 20.29
CA ALA B 95 20.81 -10.87 20.18
C ALA B 95 22.18 -10.40 19.72
N ILE B 96 22.18 -9.56 18.70
CA ILE B 96 23.47 -9.06 18.20
C ILE B 96 24.16 -8.23 19.27
N ASP B 97 23.43 -7.38 20.02
CA ASP B 97 24.10 -6.57 21.07
C ASP B 97 24.71 -7.45 22.18
N SER B 98 24.08 -8.60 22.46
CA SER B 98 24.57 -9.49 23.52
C SER B 98 25.86 -10.20 23.07
N LEU B 99 26.05 -10.39 21.78
CA LEU B 99 27.27 -11.04 21.32
C LEU B 99 28.52 -10.14 21.38
N LYS B 100 28.31 -8.87 21.08
CA LYS B 100 29.44 -7.97 20.91
C LYS B 100 30.58 -7.95 21.90
N PRO B 101 30.27 -7.83 23.18
CA PRO B 101 31.34 -7.81 24.18
C PRO B 101 32.28 -9.01 24.16
N TYR B 102 31.80 -10.13 23.62
CA TYR B 102 32.57 -11.36 23.62
C TYR B 102 33.34 -11.60 22.35
N LEU B 103 33.06 -10.77 21.37
CA LEU B 103 33.69 -10.93 20.07
C LEU B 103 35.06 -10.29 19.96
N ASP B 104 35.77 -10.72 18.94
CA ASP B 104 37.08 -10.14 18.62
C ASP B 104 36.99 -9.50 17.23
N LYS B 105 37.87 -8.53 17.00
CA LYS B 105 37.91 -7.95 15.66
C LYS B 105 38.17 -9.03 14.66
N GLY B 106 37.43 -8.95 13.56
CA GLY B 106 37.59 -9.94 12.52
C GLY B 106 36.49 -11.00 12.58
N ASP B 107 35.77 -11.10 13.70
CA ASP B 107 34.70 -12.11 13.77
C ASP B 107 33.63 -11.76 12.76
N ILE B 108 32.84 -12.76 12.39
CA ILE B 108 31.89 -12.64 11.28
C ILE B 108 30.48 -12.90 11.80
N ILE B 109 29.61 -11.93 11.60
CA ILE B 109 28.25 -11.99 12.09
C ILE B 109 27.36 -12.08 10.86
N ILE B 110 26.52 -13.10 10.77
CA ILE B 110 25.61 -13.24 9.64
C ILE B 110 24.19 -13.16 10.17
N ASP B 111 23.44 -12.14 9.79
CA ASP B 111 22.06 -12.05 10.23
C ASP B 111 21.21 -12.68 9.13
N GLY B 112 20.69 -13.88 9.41
CA GLY B 112 19.89 -14.57 8.42
C GLY B 112 18.40 -14.47 8.68
N GLY B 113 18.03 -13.61 9.64
CA GLY B 113 16.60 -13.40 9.92
C GLY B 113 15.94 -12.54 8.85
N ASN B 114 14.62 -12.40 8.92
CA ASN B 114 13.87 -11.56 7.94
C ASN B 114 13.87 -10.13 8.42
N THR B 115 15.07 -9.57 8.45
CA THR B 115 15.26 -8.23 8.99
C THR B 115 14.90 -7.17 7.96
N PHE B 116 14.28 -6.09 8.45
CA PHE B 116 13.94 -5.01 7.55
C PHE B 116 15.24 -4.45 6.97
N PHE B 117 15.25 -4.19 5.66
CA PHE B 117 16.53 -3.89 5.02
C PHE B 117 17.21 -2.61 5.53
N GLN B 118 16.41 -1.62 5.97
CA GLN B 118 17.04 -0.37 6.46
C GLN B 118 17.77 -0.63 7.76
N ASP B 119 17.31 -1.61 8.54
CA ASP B 119 18.02 -1.94 9.78
C ASP B 119 19.39 -2.50 9.39
N THR B 120 19.42 -3.34 8.36
CA THR B 120 20.63 -3.93 7.92
C THR B 120 21.60 -2.89 7.37
N ILE B 121 21.09 -1.92 6.61
CA ILE B 121 21.96 -0.85 6.11
C ILE B 121 22.66 -0.16 7.29
N ARG B 122 21.90 0.16 8.32
CA ARG B 122 22.47 0.84 9.49
C ARG B 122 23.47 -0.04 10.24
N ARG B 123 23.08 -1.31 10.50
CA ARG B 123 23.93 -2.24 11.24
C ARG B 123 25.21 -2.57 10.49
N ASN B 124 25.10 -2.70 9.16
CA ASN B 124 26.27 -3.07 8.39
C ASN B 124 27.39 -2.02 8.59
N ARG B 125 27.02 -0.74 8.56
CA ARG B 125 28.06 0.28 8.72
C ARG B 125 28.61 0.27 10.15
N GLU B 126 27.71 0.15 11.12
CA GLU B 126 28.12 0.18 12.52
C GLU B 126 29.04 -0.98 12.87
N LEU B 127 28.63 -2.21 12.53
CA LEU B 127 29.44 -3.36 12.87
C LEU B 127 30.75 -3.38 12.12
N SER B 128 30.75 -2.91 10.88
CA SER B 128 32.01 -2.90 10.10
C SER B 128 32.96 -1.88 10.71
N ALA B 129 32.42 -0.76 11.17
CA ALA B 129 33.30 0.27 11.78
C ALA B 129 33.86 -0.22 13.08
N GLU B 130 33.15 -1.13 13.73
CA GLU B 130 33.61 -1.71 14.96
C GLU B 130 34.60 -2.87 14.74
N GLY B 131 34.92 -3.18 13.48
CA GLY B 131 35.90 -4.21 13.22
C GLY B 131 35.39 -5.61 12.95
N PHE B 132 34.08 -5.73 12.76
CA PHE B 132 33.54 -7.06 12.47
C PHE B 132 33.16 -7.16 10.98
N ASN B 133 33.13 -8.39 10.50
CA ASN B 133 32.68 -8.68 9.15
C ASN B 133 31.19 -8.96 9.27
N PHE B 134 30.38 -8.33 8.44
CA PHE B 134 28.94 -8.54 8.59
C PHE B 134 28.27 -8.89 7.29
N ILE B 135 27.32 -9.84 7.37
CA ILE B 135 26.53 -10.19 6.21
C ILE B 135 25.07 -10.19 6.63
N GLY B 136 24.23 -9.48 5.90
CA GLY B 136 22.79 -9.50 6.18
C GLY B 136 22.24 -10.39 5.04
N THR B 137 21.68 -11.54 5.37
CA THR B 137 21.23 -12.42 4.28
C THR B 137 19.83 -12.93 4.43
N GLY B 138 19.14 -12.96 3.29
CA GLY B 138 17.86 -13.63 3.36
C GLY B 138 18.11 -15.17 3.25
N VAL B 139 17.19 -15.94 3.83
CA VAL B 139 17.24 -17.43 3.75
C VAL B 139 15.79 -17.80 3.48
N SER B 140 15.54 -18.45 2.36
CA SER B 140 14.17 -18.83 2.03
C SER B 140 14.05 -20.33 1.77
N GLY B 141 12.95 -20.89 2.26
CA GLY B 141 12.72 -22.30 1.97
C GLY B 141 11.81 -22.99 2.95
N GLY B 142 11.29 -22.25 3.92
CA GLY B 142 10.40 -22.95 4.86
C GLY B 142 11.17 -23.98 5.69
N GLU B 143 10.45 -24.83 6.41
CA GLU B 143 11.10 -25.83 7.28
C GLU B 143 11.94 -26.82 6.48
N GLU B 144 11.37 -27.32 5.39
CA GLU B 144 12.12 -28.30 4.61
C GLU B 144 13.30 -27.71 3.85
N GLY B 145 13.14 -26.50 3.30
CA GLY B 145 14.28 -25.92 2.58
C GLY B 145 15.38 -25.53 3.57
N ALA B 146 15.02 -25.08 4.76
CA ALA B 146 16.08 -24.75 5.74
C ALA B 146 16.93 -25.97 6.03
N LEU B 147 16.24 -27.10 6.14
CA LEU B 147 16.94 -28.36 6.49
C LEU B 147 17.77 -28.92 5.36
N LYS B 148 17.18 -28.92 4.16
CA LYS B 148 17.79 -29.57 3.01
C LYS B 148 18.52 -28.73 2.03
N GLY B 149 18.19 -27.43 2.00
CA GLY B 149 18.87 -26.53 1.08
C GLY B 149 17.97 -25.37 0.72
N PRO B 150 18.22 -24.18 1.28
CA PRO B 150 17.39 -22.99 1.00
C PRO B 150 18.07 -22.14 -0.09
N SER B 151 17.34 -21.12 -0.52
CA SER B 151 17.93 -20.13 -1.41
C SER B 151 18.53 -19.14 -0.38
N ILE B 152 19.73 -18.63 -0.64
CA ILE B 152 20.41 -17.71 0.30
C ILE B 152 20.80 -16.46 -0.49
N MET B 153 20.45 -15.30 0.07
CA MET B 153 20.63 -14.01 -0.63
C MET B 153 21.39 -13.04 0.27
N PRO B 154 22.71 -13.13 0.25
CA PRO B 154 23.56 -12.31 1.10
C PRO B 154 24.00 -10.95 0.54
N GLY B 155 24.00 -9.96 1.43
CA GLY B 155 24.45 -8.62 1.09
C GLY B 155 25.41 -8.12 2.17
N GLY B 156 26.25 -7.18 1.76
CA GLY B 156 27.24 -6.59 2.63
C GLY B 156 28.47 -6.30 1.78
N GLN B 157 29.61 -6.11 2.44
CA GLN B 157 30.82 -5.88 1.69
C GLN B 157 31.24 -7.18 1.01
N LYS B 158 31.78 -7.06 -0.19
CA LYS B 158 32.17 -8.26 -0.91
C LYS B 158 33.24 -9.08 -0.12
N GLU B 159 34.12 -8.40 0.59
CA GLU B 159 35.13 -9.13 1.37
C GLU B 159 34.49 -10.03 2.43
N ALA B 160 33.44 -9.52 3.06
CA ALA B 160 32.71 -10.28 4.09
C ALA B 160 32.02 -11.46 3.43
N TYR B 161 31.43 -11.23 2.25
CA TYR B 161 30.76 -12.33 1.56
C TYR B 161 31.75 -13.44 1.24
N GLU B 162 32.94 -13.08 0.80
CA GLU B 162 33.91 -14.12 0.46
C GLU B 162 34.31 -14.99 1.64
N LEU B 163 34.25 -14.43 2.86
CA LEU B 163 34.59 -15.20 4.04
C LEU B 163 33.54 -16.27 4.36
N VAL B 164 32.30 -16.07 3.92
CA VAL B 164 31.23 -17.05 4.21
C VAL B 164 30.74 -17.77 2.97
N ALA B 165 31.18 -17.34 1.80
CA ALA B 165 30.68 -18.00 0.58
C ALA B 165 30.87 -19.53 0.59
N PRO B 166 32.01 -20.02 1.10
CA PRO B 166 32.16 -21.49 1.09
C PRO B 166 31.12 -22.23 1.89
N ILE B 167 30.87 -21.82 3.12
CA ILE B 167 29.87 -22.55 3.90
C ILE B 167 28.43 -22.31 3.37
N LEU B 168 28.14 -21.11 2.92
CA LEU B 168 26.79 -20.89 2.40
C LEU B 168 26.58 -21.73 1.13
N THR B 169 27.62 -21.91 0.34
CA THR B 169 27.47 -22.72 -0.86
C THR B 169 27.21 -24.19 -0.49
N LYS B 170 27.80 -24.65 0.61
CA LYS B 170 27.57 -26.03 1.03
C LYS B 170 26.16 -26.35 1.46
N ILE B 171 25.48 -25.37 2.06
CA ILE B 171 24.16 -25.64 2.56
C ILE B 171 23.05 -25.19 1.64
N ALA B 172 23.35 -24.43 0.57
CA ALA B 172 22.24 -23.94 -0.28
C ALA B 172 21.66 -25.03 -1.16
N ALA B 173 20.41 -24.82 -1.57
CA ALA B 173 19.80 -25.71 -2.54
C ALA B 173 20.60 -25.64 -3.84
N VAL B 174 20.44 -26.64 -4.72
CA VAL B 174 21.05 -26.52 -6.04
C VAL B 174 19.90 -26.58 -7.02
N ALA B 175 20.06 -25.82 -8.09
CA ALA B 175 19.03 -25.78 -9.14
C ALA B 175 19.07 -27.16 -9.81
N GLU B 176 18.12 -27.44 -10.69
CA GLU B 176 18.14 -28.77 -11.34
C GLU B 176 19.43 -28.96 -12.13
N ASP B 177 19.99 -27.87 -12.64
CA ASP B 177 21.25 -27.91 -13.40
C ASP B 177 22.51 -27.96 -12.52
N GLY B 178 22.28 -28.07 -11.20
CA GLY B 178 23.37 -28.16 -10.25
C GLY B 178 23.98 -26.86 -9.72
N GLU B 179 23.55 -25.69 -10.20
CA GLU B 179 24.13 -24.42 -9.72
C GLU B 179 23.57 -24.11 -8.35
N PRO B 180 24.45 -23.75 -7.39
CA PRO B 180 24.01 -23.44 -6.03
C PRO B 180 23.12 -22.19 -6.01
N CYS B 181 22.11 -22.24 -5.15
CA CYS B 181 21.18 -21.13 -5.01
C CYS B 181 21.64 -20.11 -3.96
N VAL B 182 22.84 -19.59 -4.17
CA VAL B 182 23.41 -18.51 -3.34
C VAL B 182 24.32 -17.74 -4.28
N THR B 183 24.33 -16.40 -4.13
CA THR B 183 25.21 -15.57 -4.93
C THR B 183 25.32 -14.24 -4.20
N TYR B 184 26.38 -13.46 -4.45
CA TYR B 184 26.54 -12.17 -3.77
C TYR B 184 25.50 -11.24 -4.38
N ILE B 185 24.60 -10.73 -3.52
CA ILE B 185 23.50 -9.91 -4.03
C ILE B 185 23.92 -8.47 -4.28
N GLY B 186 24.65 -7.92 -3.31
CA GLY B 186 25.07 -6.54 -3.44
C GLY B 186 25.43 -6.01 -2.07
N ALA B 187 25.67 -4.69 -2.05
CA ALA B 187 26.11 -4.05 -0.83
C ALA B 187 25.07 -3.94 0.24
N ASP B 188 25.56 -3.72 1.46
CA ASP B 188 24.74 -3.45 2.63
C ASP B 188 23.42 -4.21 2.75
N GLY B 189 22.31 -3.53 2.65
CA GLY B 189 21.03 -4.24 2.83
C GLY B 189 20.39 -4.89 1.59
N ALA B 190 21.13 -5.04 0.52
CA ALA B 190 20.56 -5.57 -0.72
C ALA B 190 19.98 -6.98 -0.55
N GLY B 191 20.67 -7.85 0.21
CA GLY B 191 20.19 -9.22 0.40
C GLY B 191 18.88 -9.26 1.17
N HIS B 192 18.76 -8.49 2.25
CA HIS B 192 17.49 -8.47 2.98
C HIS B 192 16.40 -7.83 2.15
N TYR B 193 16.74 -6.88 1.27
CA TYR B 193 15.68 -6.29 0.41
C TYR B 193 15.18 -7.34 -0.56
N VAL B 194 16.09 -8.11 -1.15
CA VAL B 194 15.67 -9.16 -2.13
C VAL B 194 14.85 -10.20 -1.39
N LYS B 195 15.21 -10.54 -0.14
CA LYS B 195 14.38 -11.50 0.62
C LYS B 195 12.95 -10.96 0.85
N MET B 196 12.88 -9.68 1.13
CA MET B 196 11.58 -9.08 1.34
C MET B 196 10.76 -9.21 0.06
N VAL B 197 11.36 -8.89 -1.08
CA VAL B 197 10.62 -8.96 -2.36
C VAL B 197 10.23 -10.41 -2.60
N HIS B 198 11.12 -11.36 -2.28
CA HIS B 198 10.71 -12.77 -2.46
C HIS B 198 9.41 -13.03 -1.67
N ASN B 199 9.32 -12.52 -0.44
CA ASN B 199 8.15 -12.76 0.39
C ASN B 199 6.93 -12.04 -0.21
N GLY B 200 7.14 -10.85 -0.79
CA GLY B 200 5.99 -10.19 -1.44
C GLY B 200 5.52 -11.05 -2.61
N ILE B 201 6.46 -11.53 -3.43
CA ILE B 201 6.06 -12.36 -4.61
C ILE B 201 5.35 -13.60 -4.09
N GLU B 202 5.85 -14.16 -3.00
CA GLU B 202 5.19 -15.35 -2.41
C GLU B 202 3.74 -15.06 -2.06
N TYR B 203 3.48 -13.89 -1.48
CA TYR B 203 2.10 -13.54 -1.12
C TYR B 203 1.26 -13.47 -2.38
N GLY B 204 1.84 -12.89 -3.41
CA GLY B 204 1.14 -12.79 -4.69
C GLY B 204 0.81 -14.15 -5.28
N ASP B 205 1.78 -15.06 -5.25
CA ASP B 205 1.56 -16.38 -5.85
C ASP B 205 0.49 -17.13 -5.07
N MET B 206 0.52 -17.00 -3.76
CA MET B 206 -0.52 -17.70 -2.97
C MET B 206 -1.91 -17.11 -3.23
N GLN B 207 -2.00 -15.80 -3.37
CA GLN B 207 -3.31 -15.22 -3.64
C GLN B 207 -3.80 -15.56 -5.03
N LEU B 208 -2.88 -15.62 -6.01
CA LEU B 208 -3.31 -15.99 -7.35
C LEU B 208 -3.87 -17.43 -7.30
N ILE B 209 -3.16 -18.33 -6.62
CA ILE B 209 -3.66 -19.71 -6.47
C ILE B 209 -5.02 -19.72 -5.77
N ALA B 210 -5.17 -18.89 -4.74
CA ALA B 210 -6.42 -18.82 -4.01
C ALA B 210 -7.54 -18.38 -4.95
N GLU B 211 -7.29 -17.46 -5.88
CA GLU B 211 -8.37 -17.03 -6.77
C GLU B 211 -8.71 -18.16 -7.74
N ALA B 212 -7.69 -18.91 -8.17
CA ALA B 212 -7.98 -20.03 -9.09
C ALA B 212 -8.90 -21.01 -8.36
N TYR B 213 -8.56 -21.29 -7.12
CA TYR B 213 -9.39 -22.11 -6.27
C TYR B 213 -10.83 -21.55 -6.18
N SER B 214 -10.98 -20.25 -5.89
CA SER B 214 -12.34 -19.68 -5.80
C SER B 214 -13.08 -19.85 -7.11
N LEU B 215 -12.39 -19.68 -8.21
CA LEU B 215 -13.04 -19.83 -9.53
C LEU B 215 -13.47 -21.28 -9.83
N LEU B 216 -12.59 -22.23 -9.53
CA LEU B 216 -12.94 -23.60 -9.81
C LEU B 216 -14.07 -24.04 -8.91
N LYS B 217 -14.03 -23.64 -7.64
CA LYS B 217 -15.09 -24.06 -6.73
C LYS B 217 -16.37 -23.27 -7.01
N GLY B 218 -16.23 -21.98 -7.28
CA GLY B 218 -17.42 -21.18 -7.54
C GLY B 218 -18.07 -21.43 -8.87
N GLY B 219 -17.26 -21.67 -9.88
CA GLY B 219 -17.80 -21.87 -11.21
C GLY B 219 -18.19 -23.29 -11.56
N LEU B 220 -17.42 -24.26 -11.05
CA LEU B 220 -17.67 -25.67 -11.39
C LEU B 220 -18.03 -26.56 -10.21
N ASN B 221 -18.05 -25.96 -9.01
CA ASN B 221 -18.35 -26.69 -7.81
C ASN B 221 -17.46 -27.93 -7.70
N LEU B 222 -16.17 -27.78 -8.00
CA LEU B 222 -15.29 -28.94 -7.94
C LEU B 222 -15.18 -29.43 -6.51
N THR B 223 -15.11 -30.76 -6.33
CA THR B 223 -14.91 -31.31 -4.99
C THR B 223 -13.41 -31.15 -4.66
N ASN B 224 -13.06 -31.42 -3.41
CA ASN B 224 -11.62 -31.33 -3.03
C ASN B 224 -10.79 -32.34 -3.84
N GLU B 225 -11.31 -33.54 -4.09
CA GLU B 225 -10.58 -34.47 -4.92
C GLU B 225 -10.38 -33.93 -6.35
N GLU B 226 -11.41 -33.29 -6.92
CA GLU B 226 -11.29 -32.77 -8.25
C GLU B 226 -10.31 -31.57 -8.28
N LEU B 227 -10.28 -30.81 -7.19
CA LEU B 227 -9.33 -29.67 -7.10
C LEU B 227 -7.92 -30.24 -7.06
N ALA B 228 -7.73 -31.34 -6.31
CA ALA B 228 -6.38 -31.91 -6.24
C ALA B 228 -5.98 -32.43 -7.63
N GLN B 229 -6.92 -33.06 -8.35
CA GLN B 229 -6.59 -33.59 -9.67
C GLN B 229 -6.25 -32.43 -10.61
N THR B 230 -6.95 -31.30 -10.48
CA THR B 230 -6.72 -30.18 -11.37
C THR B 230 -5.34 -29.59 -11.12
N PHE B 231 -5.05 -29.35 -9.85
CA PHE B 231 -3.74 -28.78 -9.55
C PHE B 231 -2.62 -29.74 -9.92
N THR B 232 -2.85 -31.04 -9.78
CA THR B 232 -1.84 -32.03 -10.13
C THR B 232 -1.53 -31.92 -11.61
N GLU B 233 -2.57 -31.82 -12.44
CA GLU B 233 -2.34 -31.73 -13.86
C GLU B 233 -1.64 -30.41 -14.24
N TRP B 234 -2.01 -29.32 -13.58
CA TRP B 234 -1.37 -28.06 -13.86
C TRP B 234 0.12 -28.13 -13.47
N ASN B 235 0.41 -28.86 -12.40
CA ASN B 235 1.78 -28.96 -11.87
C ASN B 235 2.70 -29.74 -12.84
N ASN B 236 2.09 -30.54 -13.72
CA ASN B 236 2.89 -31.30 -14.67
C ASN B 236 3.21 -30.50 -15.92
N GLY B 237 2.66 -29.29 -16.03
CA GLY B 237 2.93 -28.44 -17.18
C GLY B 237 3.77 -27.20 -16.81
N GLU B 238 3.60 -26.09 -17.55
CA GLU B 238 4.43 -24.87 -17.34
C GLU B 238 4.26 -24.21 -15.96
N LEU B 239 3.14 -24.49 -15.30
CA LEU B 239 2.90 -23.93 -13.98
C LEU B 239 3.69 -24.70 -12.88
N SER B 240 4.37 -25.83 -13.21
CA SER B 240 5.15 -26.59 -12.22
C SER B 240 5.79 -25.68 -11.17
N SER B 241 5.44 -25.87 -9.91
CA SER B 241 6.02 -25.02 -8.84
C SER B 241 5.80 -25.66 -7.50
N TYR B 242 6.63 -25.29 -6.52
CA TYR B 242 6.44 -25.82 -5.21
C TYR B 242 5.05 -25.50 -4.66
N LEU B 243 4.61 -24.23 -4.84
CA LEU B 243 3.31 -23.89 -4.26
C LEU B 243 2.16 -24.68 -4.88
N ILE B 244 2.23 -24.94 -6.19
CA ILE B 244 1.14 -25.74 -6.78
C ILE B 244 1.26 -27.21 -6.33
N ASP B 245 2.50 -27.69 -6.23
CA ASP B 245 2.76 -29.07 -5.78
C ASP B 245 2.20 -29.29 -4.38
N ILE B 246 2.39 -28.35 -3.46
CA ILE B 246 1.86 -28.59 -2.10
C ILE B 246 0.33 -28.41 -2.07
N THR B 247 -0.18 -27.54 -2.96
CA THR B 247 -1.62 -27.29 -3.01
C THR B 247 -2.37 -28.58 -3.42
N LYS B 248 -1.81 -29.29 -4.39
CA LYS B 248 -2.50 -30.53 -4.79
C LYS B 248 -2.48 -31.54 -3.62
N ASP B 249 -1.46 -31.54 -2.78
CA ASP B 249 -1.47 -32.41 -1.57
C ASP B 249 -2.50 -31.95 -0.52
N ILE B 250 -2.58 -30.64 -0.30
CA ILE B 250 -3.45 -30.09 0.70
C ILE B 250 -4.89 -30.45 0.42
N PHE B 251 -5.27 -30.48 -0.85
CA PHE B 251 -6.67 -30.76 -1.16
C PHE B 251 -7.12 -32.17 -0.86
N THR B 252 -6.21 -33.07 -0.59
CA THR B 252 -6.71 -34.41 -0.23
C THR B 252 -6.44 -34.79 1.21
N LYS B 253 -5.81 -33.92 1.99
CA LYS B 253 -5.51 -34.21 3.39
C LYS B 253 -6.74 -34.17 4.33
N LYS B 254 -6.92 -35.24 5.11
CA LYS B 254 -8.03 -35.33 6.05
C LYS B 254 -7.48 -35.43 7.48
N ASP B 255 -8.29 -35.01 8.46
CA ASP B 255 -7.89 -35.14 9.86
C ASP B 255 -8.35 -36.52 10.33
N GLU B 256 -8.18 -36.84 11.62
CA GLU B 256 -8.56 -38.16 12.10
C GLU B 256 -10.06 -38.48 12.05
N ASP B 257 -10.89 -37.44 12.08
CA ASP B 257 -12.32 -37.65 12.02
C ASP B 257 -12.83 -37.70 10.59
N GLY B 258 -11.91 -37.72 9.62
CA GLY B 258 -12.31 -37.76 8.21
C GLY B 258 -12.73 -36.43 7.60
N ASN B 259 -12.49 -35.32 8.29
CA ASN B 259 -12.84 -34.01 7.71
C ASN B 259 -11.71 -33.62 6.76
N TYR B 260 -12.04 -33.02 5.60
CA TYR B 260 -10.95 -32.50 4.76
C TYR B 260 -10.43 -31.30 5.53
N LEU B 261 -9.13 -31.25 5.78
CA LEU B 261 -8.60 -30.13 6.55
C LEU B 261 -8.91 -28.78 5.94
N VAL B 262 -8.81 -28.68 4.63
CA VAL B 262 -9.05 -27.39 3.99
C VAL B 262 -10.45 -26.87 4.30
N ASP B 263 -11.39 -27.75 4.63
CA ASP B 263 -12.70 -27.22 4.93
C ASP B 263 -13.00 -26.94 6.40
N VAL B 264 -12.06 -27.29 7.28
CA VAL B 264 -12.27 -26.93 8.67
C VAL B 264 -11.28 -25.85 9.11
N ILE B 265 -10.30 -25.50 8.26
CA ILE B 265 -9.36 -24.47 8.65
C ILE B 265 -10.03 -23.10 8.57
N LEU B 266 -9.82 -22.29 9.59
CA LEU B 266 -10.42 -20.93 9.65
C LEU B 266 -9.74 -20.05 8.55
N ASP B 267 -10.59 -19.44 7.72
CA ASP B 267 -10.14 -18.57 6.62
C ASP B 267 -9.74 -17.15 7.07
N GLU B 268 -8.74 -17.09 7.95
CA GLU B 268 -8.14 -15.82 8.43
C GLU B 268 -6.65 -15.97 8.20
N ALA B 269 -6.15 -15.35 7.13
CA ALA B 269 -4.74 -15.46 6.79
C ALA B 269 -3.88 -14.54 7.65
N ALA B 270 -2.88 -15.10 8.32
CA ALA B 270 -1.98 -14.27 9.14
C ALA B 270 -0.82 -13.76 8.28
N ASN B 271 0.06 -12.94 8.88
CA ASN B 271 1.23 -12.44 8.15
C ASN B 271 2.26 -11.93 9.13
N LYS B 272 3.55 -12.02 8.79
CA LYS B 272 4.59 -11.53 9.69
C LYS B 272 5.34 -10.29 9.20
N GLY B 273 4.72 -9.53 8.30
CA GLY B 273 5.36 -8.29 7.85
C GLY B 273 6.03 -8.13 6.47
N THR B 274 6.78 -9.09 5.94
CA THR B 274 7.52 -8.83 4.67
C THR B 274 6.58 -8.51 3.48
N GLY B 275 5.33 -9.00 3.54
CA GLY B 275 4.42 -8.67 2.43
C GLY B 275 4.02 -7.21 2.51
N LYS B 276 3.66 -6.83 3.76
CA LYS B 276 3.35 -5.37 4.04
C LYS B 276 4.57 -4.53 3.68
N TRP B 277 5.76 -4.99 4.08
CA TRP B 277 6.94 -4.19 3.76
C TRP B 277 7.19 -4.01 2.26
N THR B 278 6.93 -5.04 1.45
CA THR B 278 7.20 -4.91 0.02
C THR B 278 6.30 -3.82 -0.57
N SER B 279 5.02 -3.86 -0.15
CA SER B 279 4.09 -2.85 -0.66
C SER B 279 4.40 -1.43 -0.15
N GLN B 280 4.83 -1.32 1.12
CA GLN B 280 5.19 0.02 1.62
C GLN B 280 6.40 0.54 0.87
N SER B 281 7.31 -0.38 0.50
CA SER B 281 8.49 0.02 -0.31
C SER B 281 8.06 0.46 -1.72
N ALA B 282 7.11 -0.25 -2.35
CA ALA B 282 6.63 0.18 -3.69
C ALA B 282 6.06 1.58 -3.54
N LEU B 283 5.27 1.82 -2.49
CA LEU B 283 4.69 3.16 -2.31
C LEU B 283 5.80 4.21 -2.14
N ASP B 284 6.86 3.89 -1.42
CA ASP B 284 7.95 4.85 -1.27
C ASP B 284 8.74 5.08 -2.58
N LEU B 285 8.84 4.06 -3.44
CA LEU B 285 9.67 4.11 -4.64
C LEU B 285 8.89 4.57 -5.86
N GLY B 286 7.56 4.68 -5.78
CA GLY B 286 6.82 5.10 -6.96
C GLY B 286 6.49 3.97 -7.91
N GLU B 287 6.54 2.75 -7.40
CA GLU B 287 6.25 1.57 -8.24
C GLU B 287 4.81 1.11 -8.11
N PRO B 288 4.15 0.81 -9.24
CA PRO B 288 2.75 0.38 -9.20
C PRO B 288 2.61 -1.10 -8.93
N LEU B 289 2.91 -1.49 -7.70
CA LEU B 289 2.93 -2.93 -7.32
C LEU B 289 1.55 -3.40 -6.90
N SER B 290 0.64 -3.43 -7.84
CA SER B 290 -0.72 -3.73 -7.45
C SER B 290 -1.08 -5.13 -7.07
N LEU B 291 -0.48 -6.12 -7.72
CA LEU B 291 -0.91 -7.47 -7.40
C LEU B 291 -0.46 -7.91 -6.04
N ILE B 292 0.82 -7.71 -5.71
CA ILE B 292 1.26 -8.10 -4.39
C ILE B 292 0.50 -7.28 -3.32
N THR B 293 0.30 -5.98 -3.58
CA THR B 293 -0.39 -5.19 -2.60
C THR B 293 -1.81 -5.68 -2.41
N GLU B 294 -2.51 -6.02 -3.51
CA GLU B 294 -3.86 -6.52 -3.31
C GLU B 294 -3.83 -7.85 -2.57
N SER B 295 -2.75 -8.62 -2.70
CA SER B 295 -2.67 -9.88 -1.97
C SER B 295 -2.58 -9.64 -0.46
N VAL B 296 -1.83 -8.59 -0.11
CA VAL B 296 -1.73 -8.23 1.33
C VAL B 296 -3.15 -7.80 1.82
N PHE B 297 -3.81 -6.95 1.05
CA PHE B 297 -5.13 -6.49 1.48
C PHE B 297 -6.12 -7.67 1.51
N ALA B 298 -5.90 -8.67 0.65
CA ALA B 298 -6.83 -9.81 0.73
C ALA B 298 -6.61 -10.57 2.05
N ARG B 299 -5.35 -10.66 2.53
CA ARG B 299 -5.17 -11.31 3.83
C ARG B 299 -5.86 -10.42 4.89
N TYR B 300 -5.72 -9.10 4.77
CA TYR B 300 -6.35 -8.25 5.78
C TYR B 300 -7.87 -8.40 5.84
N ILE B 301 -8.53 -8.46 4.69
CA ILE B 301 -9.97 -8.60 4.75
C ILE B 301 -10.35 -9.98 5.22
N SER B 302 -9.52 -10.98 4.97
CA SER B 302 -9.86 -12.32 5.50
C SER B 302 -9.84 -12.30 7.02
N SER B 303 -9.01 -11.44 7.60
CA SER B 303 -8.90 -11.35 9.04
C SER B 303 -10.13 -10.70 9.68
N LEU B 304 -10.98 -10.10 8.85
CA LEU B 304 -12.21 -9.48 9.39
C LEU B 304 -13.35 -10.50 9.28
N LYS B 305 -13.12 -11.72 9.77
CA LYS B 305 -14.05 -12.81 9.68
C LYS B 305 -15.44 -12.52 10.28
N ASP B 306 -15.45 -11.96 11.50
CA ASP B 306 -16.75 -11.69 12.14
C ASP B 306 -17.52 -10.69 11.28
N GLN B 307 -16.83 -9.66 10.77
CA GLN B 307 -17.47 -8.67 9.91
C GLN B 307 -18.02 -9.30 8.64
N ARG B 308 -17.24 -10.20 8.02
CA ARG B 308 -17.73 -10.83 6.79
C ARG B 308 -18.91 -11.75 7.00
N VAL B 309 -18.90 -12.50 8.10
CA VAL B 309 -20.01 -13.38 8.37
C VAL B 309 -21.26 -12.49 8.59
N ALA B 310 -21.11 -11.38 9.31
CA ALA B 310 -22.26 -10.47 9.52
C ALA B 310 -22.76 -9.92 8.19
N ALA B 311 -21.81 -9.44 7.36
CA ALA B 311 -22.18 -8.85 6.07
C ALA B 311 -22.83 -9.86 5.13
N SER B 312 -22.39 -11.12 5.22
CA SER B 312 -22.94 -12.14 4.31
C SER B 312 -24.44 -12.36 4.52
N LYS B 313 -24.92 -11.96 5.67
CA LYS B 313 -26.35 -12.12 5.99
C LYS B 313 -27.19 -10.93 5.56
N VAL B 314 -26.56 -9.82 5.17
CA VAL B 314 -27.32 -8.65 4.76
C VAL B 314 -27.07 -8.06 3.39
N LEU B 315 -25.84 -8.19 2.86
CA LEU B 315 -25.56 -7.63 1.54
C LEU B 315 -25.98 -8.64 0.48
N SER B 316 -26.45 -8.12 -0.65
CA SER B 316 -26.90 -8.98 -1.74
C SER B 316 -25.82 -9.15 -2.81
N GLY B 317 -25.99 -10.21 -3.61
CA GLY B 317 -25.08 -10.45 -4.71
C GLY B 317 -25.67 -11.42 -5.71
N PRO B 318 -25.02 -11.60 -6.86
CA PRO B 318 -25.47 -12.50 -7.92
C PRO B 318 -25.08 -13.93 -7.62
N GLN B 319 -25.60 -14.84 -8.44
CA GLN B 319 -25.24 -16.25 -8.37
C GLN B 319 -24.20 -16.47 -9.46
N ALA B 320 -23.52 -17.61 -9.37
CA ALA B 320 -22.52 -17.94 -10.37
C ALA B 320 -23.19 -18.11 -11.73
N GLN B 321 -22.53 -17.61 -12.77
CA GLN B 321 -23.05 -17.67 -14.14
C GLN B 321 -22.65 -19.03 -14.76
N PRO B 322 -23.21 -19.34 -15.93
CA PRO B 322 -22.83 -20.63 -16.54
C PRO B 322 -21.35 -20.66 -16.88
N ALA B 323 -20.68 -21.69 -16.40
CA ALA B 323 -19.25 -21.79 -16.71
C ALA B 323 -19.01 -22.40 -18.08
N GLY B 324 -19.98 -23.13 -18.62
CA GLY B 324 -19.73 -23.76 -19.90
C GLY B 324 -18.94 -25.05 -19.84
N ASP B 325 -18.29 -25.39 -20.95
CA ASP B 325 -17.52 -26.61 -21.03
C ASP B 325 -16.50 -26.62 -19.93
N LYS B 326 -16.51 -27.69 -19.17
CA LYS B 326 -15.65 -27.83 -18.02
C LYS B 326 -14.18 -27.74 -18.34
N ALA B 327 -13.74 -28.54 -19.31
CA ALA B 327 -12.31 -28.49 -19.70
C ALA B 327 -11.89 -27.11 -20.19
N GLU B 328 -12.74 -26.41 -20.97
CA GLU B 328 -12.39 -25.11 -21.49
C GLU B 328 -12.30 -24.12 -20.32
N PHE B 329 -13.24 -24.21 -19.38
CA PHE B 329 -13.18 -23.28 -18.22
C PHE B 329 -11.88 -23.50 -17.42
N ILE B 330 -11.59 -24.76 -17.11
CA ILE B 330 -10.37 -25.05 -16.34
C ILE B 330 -9.14 -24.51 -17.07
N GLU B 331 -9.08 -24.66 -18.39
CA GLU B 331 -7.92 -24.16 -19.15
C GLU B 331 -7.86 -22.64 -19.14
N LYS B 332 -9.01 -21.98 -19.15
CA LYS B 332 -8.96 -20.51 -19.12
C LYS B 332 -8.46 -20.07 -17.74
N VAL B 333 -8.90 -20.76 -16.68
CA VAL B 333 -8.42 -20.38 -15.32
C VAL B 333 -6.91 -20.63 -15.27
N ARG B 334 -6.45 -21.75 -15.83
CA ARG B 334 -5.00 -22.07 -15.84
C ARG B 334 -4.18 -20.99 -16.53
N ARG B 335 -4.68 -20.51 -17.69
CA ARG B 335 -3.99 -19.47 -18.46
C ARG B 335 -4.04 -18.18 -17.68
N ALA B 336 -5.17 -17.90 -17.03
CA ALA B 336 -5.27 -16.66 -16.26
C ALA B 336 -4.24 -16.70 -15.09
N LEU B 337 -4.13 -17.84 -14.43
CA LEU B 337 -3.19 -17.97 -13.30
C LEU B 337 -1.75 -17.75 -13.80
N TYR B 338 -1.40 -18.37 -14.93
CA TYR B 338 -0.03 -18.20 -15.43
C TYR B 338 0.26 -16.76 -15.85
N LEU B 339 -0.66 -16.12 -16.55
CA LEU B 339 -0.43 -14.73 -16.98
C LEU B 339 -0.47 -13.82 -15.75
N GLY B 340 -1.30 -14.13 -14.78
CA GLY B 340 -1.31 -13.34 -13.55
C GLY B 340 0.04 -13.44 -12.87
N LYS B 341 0.65 -14.63 -12.82
CA LYS B 341 2.00 -14.73 -12.22
C LYS B 341 2.97 -13.88 -13.02
N ILE B 342 2.94 -13.98 -14.36
CA ILE B 342 3.81 -13.13 -15.16
C ILE B 342 3.67 -11.64 -14.82
N VAL B 343 2.46 -11.14 -14.66
CA VAL B 343 2.29 -9.74 -14.32
C VAL B 343 2.84 -9.45 -12.93
N SER B 344 2.57 -10.33 -11.98
CA SER B 344 3.07 -10.07 -10.64
C SER B 344 4.61 -10.02 -10.62
N TYR B 345 5.26 -10.95 -11.32
CA TYR B 345 6.73 -10.95 -11.33
C TYR B 345 7.26 -9.75 -12.12
N ALA B 346 6.54 -9.34 -13.16
CA ALA B 346 7.01 -8.13 -13.92
C ALA B 346 7.00 -6.95 -12.95
N GLN B 347 5.92 -6.84 -12.16
CA GLN B 347 5.85 -5.76 -11.18
C GLN B 347 6.98 -5.88 -10.14
N GLY B 348 7.21 -7.10 -9.67
CA GLY B 348 8.22 -7.29 -8.61
C GLY B 348 9.62 -7.02 -9.12
N PHE B 349 9.90 -7.49 -10.34
CA PHE B 349 11.26 -7.22 -10.85
C PHE B 349 11.46 -5.77 -11.22
N SER B 350 10.38 -5.06 -11.60
CA SER B 350 10.53 -3.63 -11.88
C SER B 350 10.84 -2.92 -10.53
N GLN B 351 10.21 -3.39 -9.45
CA GLN B 351 10.49 -2.81 -8.15
C GLN B 351 11.95 -3.11 -7.75
N LEU B 352 12.47 -4.31 -8.04
CA LEU B 352 13.88 -4.58 -7.72
C LEU B 352 14.78 -3.56 -8.45
N ARG B 353 14.43 -3.20 -9.69
CA ARG B 353 15.23 -2.22 -10.43
C ARG B 353 15.13 -0.86 -9.79
N ALA B 354 13.92 -0.45 -9.38
CA ALA B 354 13.78 0.84 -8.73
C ALA B 354 14.54 0.92 -7.43
N ALA B 355 14.55 -0.20 -6.68
CA ALA B 355 15.27 -0.24 -5.41
C ALA B 355 16.80 -0.25 -5.65
N SER B 356 17.23 -0.99 -6.67
CA SER B 356 18.66 -1.03 -6.99
C SER B 356 19.14 0.39 -7.31
N GLU B 357 18.32 1.12 -8.09
CA GLU B 357 18.67 2.50 -8.44
C GLU B 357 18.66 3.40 -7.21
N GLU B 358 17.62 3.31 -6.37
CA GLU B 358 17.53 4.13 -5.18
C GLU B 358 18.61 3.89 -4.12
N TYR B 359 18.88 2.62 -3.84
CA TYR B 359 19.83 2.25 -2.79
C TYR B 359 21.24 1.93 -3.30
N ASN B 360 21.44 2.07 -4.61
CA ASN B 360 22.76 1.95 -5.27
C ASN B 360 23.40 0.59 -5.16
N TRP B 361 22.68 -0.39 -5.64
CA TRP B 361 23.14 -1.76 -5.54
C TRP B 361 23.61 -2.43 -6.80
N ASP B 362 23.25 -1.91 -7.96
CA ASP B 362 23.62 -2.55 -9.24
C ASP B 362 23.25 -4.04 -9.21
N LEU B 363 22.02 -4.32 -8.84
CA LEU B 363 21.57 -5.70 -8.75
C LEU B 363 21.66 -6.45 -10.09
N ASN B 364 21.90 -7.75 -10.01
CA ASN B 364 21.98 -8.57 -11.20
C ASN B 364 20.68 -9.37 -11.17
N TYR B 365 19.69 -8.88 -11.91
CA TYR B 365 18.37 -9.51 -11.89
C TYR B 365 18.35 -10.98 -12.32
N GLY B 366 19.18 -11.32 -13.32
CA GLY B 366 19.25 -12.69 -13.81
C GLY B 366 19.80 -13.65 -12.76
N GLU B 367 20.77 -13.16 -11.99
CA GLU B 367 21.33 -13.99 -10.92
C GLU B 367 20.33 -14.15 -9.78
N ILE B 368 19.54 -13.10 -9.49
CA ILE B 368 18.53 -13.23 -8.46
C ILE B 368 17.50 -14.30 -8.89
N ALA B 369 17.03 -14.21 -10.13
CA ALA B 369 16.06 -15.21 -10.58
C ALA B 369 16.68 -16.60 -10.50
N LYS B 370 17.94 -16.68 -10.87
CA LYS B 370 18.62 -17.97 -10.84
C LYS B 370 18.61 -18.63 -9.48
N ILE B 371 18.82 -17.88 -8.40
CA ILE B 371 18.85 -18.54 -7.10
C ILE B 371 17.48 -18.83 -6.55
N PHE B 372 16.44 -18.38 -7.27
CA PHE B 372 15.05 -18.67 -6.87
C PHE B 372 14.54 -19.91 -7.62
N ARG B 373 15.38 -20.52 -8.45
CA ARG B 373 14.91 -21.73 -9.17
C ARG B 373 14.71 -22.95 -8.28
N ALA B 374 15.34 -22.94 -7.10
CA ALA B 374 15.18 -24.01 -6.13
C ALA B 374 15.29 -23.41 -4.75
N GLY B 375 15.10 -24.24 -3.73
CA GLY B 375 15.22 -23.75 -2.37
C GLY B 375 14.05 -22.97 -1.82
N CYS B 376 13.87 -21.75 -2.33
CA CYS B 376 12.84 -20.83 -1.83
C CYS B 376 11.41 -21.28 -2.04
N ILE B 377 10.50 -20.60 -1.36
CA ILE B 377 9.06 -20.97 -1.46
C ILE B 377 8.51 -20.73 -2.89
N ILE B 378 8.97 -19.69 -3.59
CA ILE B 378 8.44 -19.47 -4.94
C ILE B 378 9.08 -20.29 -6.04
N ARG B 379 9.92 -21.27 -5.66
CA ARG B 379 10.65 -22.02 -6.66
C ARG B 379 9.72 -22.65 -7.66
N ALA B 380 10.17 -22.59 -8.90
CA ALA B 380 9.32 -23.07 -10.01
C ALA B 380 10.13 -23.03 -11.29
N GLN B 381 9.78 -23.88 -12.28
CA GLN B 381 10.55 -23.80 -13.53
C GLN B 381 10.38 -22.43 -14.17
N PHE B 382 9.29 -21.76 -13.82
CA PHE B 382 9.04 -20.39 -14.30
C PHE B 382 10.24 -19.46 -14.12
N LEU B 383 10.97 -19.64 -13.02
CA LEU B 383 12.10 -18.76 -12.81
C LEU B 383 13.18 -18.87 -13.87
N GLN B 384 13.26 -20.01 -14.54
CA GLN B 384 14.24 -20.16 -15.60
C GLN B 384 13.89 -19.19 -16.76
N LYS B 385 12.59 -19.02 -17.01
CA LYS B 385 12.17 -18.10 -18.05
C LYS B 385 12.60 -16.69 -17.72
N ILE B 386 12.48 -16.31 -16.43
CA ILE B 386 12.94 -15.00 -16.04
C ILE B 386 14.46 -14.87 -16.17
N THR B 387 15.18 -15.92 -15.74
CA THR B 387 16.62 -15.93 -15.85
C THR B 387 17.04 -15.73 -17.31
N ASP B 388 16.42 -16.47 -18.22
CA ASP B 388 16.74 -16.40 -19.64
C ASP B 388 16.46 -14.97 -20.15
N ALA B 389 15.32 -14.39 -19.77
CA ALA B 389 15.03 -13.07 -20.29
C ALA B 389 16.03 -12.03 -19.83
N CYS B 390 16.47 -12.14 -18.59
CA CYS B 390 17.42 -11.17 -18.05
C CYS B 390 18.83 -11.41 -18.62
N ALA B 391 19.16 -12.67 -18.89
CA ALA B 391 20.47 -12.99 -19.44
C ALA B 391 20.54 -12.35 -20.83
N GLU B 392 19.45 -12.45 -21.58
CA GLU B 392 19.43 -11.84 -22.90
C GLU B 392 19.42 -10.33 -22.89
N ASN B 393 18.79 -9.71 -21.89
CA ASN B 393 18.71 -8.25 -21.82
C ASN B 393 18.78 -7.87 -20.34
N PRO B 394 20.00 -7.73 -19.83
CA PRO B 394 20.23 -7.40 -18.41
C PRO B 394 19.54 -6.16 -17.87
N GLN B 395 19.28 -5.18 -18.70
CA GLN B 395 18.58 -4.03 -18.14
C GLN B 395 17.18 -3.84 -18.68
N ILE B 396 16.55 -4.96 -19.03
CA ILE B 396 15.17 -4.94 -19.53
C ILE B 396 14.34 -4.16 -18.51
N ALA B 397 13.51 -3.22 -19.00
CA ALA B 397 12.73 -2.42 -18.06
C ALA B 397 11.62 -3.16 -17.41
N ASN B 398 11.03 -4.08 -18.14
CA ASN B 398 9.89 -4.81 -17.58
C ASN B 398 9.79 -6.14 -18.32
N LEU B 399 9.63 -7.21 -17.56
CA LEU B 399 9.59 -8.55 -18.14
C LEU B 399 8.51 -8.75 -19.20
N LEU B 400 7.43 -7.96 -19.14
CA LEU B 400 6.35 -8.15 -20.13
C LEU B 400 6.87 -7.93 -21.54
N LEU B 401 7.97 -7.18 -21.67
CA LEU B 401 8.54 -6.86 -22.98
C LEU B 401 9.43 -7.96 -23.51
N ALA B 402 9.85 -8.90 -22.68
CA ALA B 402 10.71 -9.99 -23.18
C ALA B 402 9.89 -10.89 -24.13
N PRO B 403 10.51 -11.39 -25.21
CA PRO B 403 9.77 -12.24 -26.15
C PRO B 403 8.91 -13.33 -25.60
N TYR B 404 9.42 -14.10 -24.65
CA TYR B 404 8.63 -15.20 -24.14
C TYR B 404 7.38 -14.72 -23.45
N PHE B 405 7.56 -13.73 -22.60
CA PHE B 405 6.41 -13.22 -21.84
C PHE B 405 5.44 -12.46 -22.71
N LYS B 406 5.95 -11.74 -23.69
CA LYS B 406 5.07 -11.01 -24.62
C LYS B 406 4.20 -12.01 -25.35
N GLN B 407 4.80 -13.12 -25.78
CA GLN B 407 4.05 -14.14 -26.50
C GLN B 407 2.97 -14.77 -25.62
N ILE B 408 3.31 -15.05 -24.36
CA ILE B 408 2.30 -15.63 -23.46
C ILE B 408 1.15 -14.60 -23.27
N ALA B 409 1.48 -13.32 -23.13
CA ALA B 409 0.44 -12.28 -22.98
C ALA B 409 -0.42 -12.27 -24.24
N ASP B 410 0.20 -12.37 -25.40
CA ASP B 410 -0.63 -12.38 -26.63
C ASP B 410 -1.60 -13.57 -26.61
N ASP B 411 -1.07 -14.73 -26.22
CA ASP B 411 -1.88 -15.94 -26.26
C ASP B 411 -2.87 -16.19 -25.16
N TYR B 412 -2.54 -15.69 -23.97
CA TYR B 412 -3.37 -15.99 -22.81
C TYR B 412 -4.22 -14.82 -22.30
N GLN B 413 -4.00 -13.62 -22.80
CA GLN B 413 -4.77 -12.51 -22.23
C GLN B 413 -6.29 -12.68 -22.45
N GLN B 414 -6.72 -13.28 -23.56
CA GLN B 414 -8.15 -13.43 -23.70
C GLN B 414 -8.78 -14.34 -22.64
N ALA B 415 -8.05 -15.40 -22.23
CA ALA B 415 -8.52 -16.26 -21.17
C ALA B 415 -8.61 -15.46 -19.87
N LEU B 416 -7.57 -14.70 -19.56
CA LEU B 416 -7.62 -13.89 -18.34
C LEU B 416 -8.78 -12.87 -18.35
N ARG B 417 -9.02 -12.22 -19.49
CA ARG B 417 -10.13 -11.24 -19.58
C ARG B 417 -11.48 -12.00 -19.39
N ASP B 418 -11.60 -13.15 -20.05
CA ASP B 418 -12.84 -13.97 -19.92
C ASP B 418 -13.07 -14.42 -18.47
N VAL B 419 -11.98 -14.84 -17.78
CA VAL B 419 -12.12 -15.27 -16.40
C VAL B 419 -12.51 -14.12 -15.48
N VAL B 420 -11.91 -12.93 -15.68
CA VAL B 420 -12.26 -11.81 -14.80
C VAL B 420 -13.71 -11.40 -15.09
N ALA B 421 -14.12 -11.35 -16.35
CA ALA B 421 -15.52 -10.96 -16.64
C ALA B 421 -16.47 -11.99 -16.02
N TYR B 422 -16.14 -13.27 -16.13
CA TYR B 422 -16.98 -14.30 -15.56
C TYR B 422 -17.11 -14.14 -14.04
N ALA B 423 -15.96 -13.92 -13.40
CA ALA B 423 -15.96 -13.80 -11.96
C ALA B 423 -16.77 -12.60 -11.50
N VAL B 424 -16.57 -11.47 -12.17
CA VAL B 424 -17.28 -10.25 -11.79
C VAL B 424 -18.77 -10.45 -11.98
N GLN B 425 -19.16 -11.10 -13.05
CA GLN B 425 -20.61 -11.33 -13.21
C GLN B 425 -21.17 -12.33 -12.23
N ASN B 426 -20.31 -13.20 -11.75
CA ASN B 426 -20.70 -14.25 -10.81
C ASN B 426 -20.59 -13.92 -9.33
N GLY B 427 -20.00 -12.78 -9.03
CA GLY B 427 -19.78 -12.36 -7.65
C GLY B 427 -18.63 -13.05 -6.95
N ILE B 428 -17.70 -13.63 -7.73
CA ILE B 428 -16.54 -14.36 -7.15
C ILE B 428 -15.42 -13.33 -7.09
N PRO B 429 -14.89 -13.04 -5.90
CA PRO B 429 -13.84 -12.01 -5.86
C PRO B 429 -12.53 -12.43 -6.51
N VAL B 430 -12.00 -11.58 -7.39
CA VAL B 430 -10.72 -11.88 -8.04
C VAL B 430 -9.84 -10.63 -8.00
N PRO B 431 -9.43 -10.24 -6.80
CA PRO B 431 -8.62 -9.02 -6.78
C PRO B 431 -7.32 -9.00 -7.56
N THR B 432 -6.55 -10.09 -7.50
CA THR B 432 -5.27 -10.07 -8.23
C THR B 432 -5.48 -10.37 -9.71
N PHE B 433 -6.43 -11.22 -10.11
CA PHE B 433 -6.62 -11.42 -11.57
C PHE B 433 -7.11 -10.12 -12.16
N SER B 434 -8.02 -9.43 -11.46
CA SER B 434 -8.51 -8.18 -12.06
C SER B 434 -7.41 -7.10 -12.00
N ALA B 435 -6.56 -7.10 -10.95
CA ALA B 435 -5.45 -6.12 -10.94
C ALA B 435 -4.50 -6.40 -12.08
N ALA B 436 -4.34 -7.68 -12.43
CA ALA B 436 -3.42 -8.00 -13.54
C ALA B 436 -3.90 -7.41 -14.85
N VAL B 437 -5.20 -7.50 -15.10
CA VAL B 437 -5.73 -6.93 -16.36
C VAL B 437 -5.56 -5.41 -16.33
N ALA B 438 -5.90 -4.78 -15.20
CA ALA B 438 -5.79 -3.32 -15.15
C ALA B 438 -4.40 -2.85 -15.32
N TYR B 439 -3.44 -3.62 -14.78
CA TYR B 439 -2.06 -3.23 -14.94
C TYR B 439 -1.60 -3.43 -16.40
N TYR B 440 -1.96 -4.55 -17.00
CA TYR B 440 -1.52 -4.80 -18.36
C TYR B 440 -2.07 -3.69 -19.29
N ASP B 441 -3.35 -3.36 -19.09
CA ASP B 441 -3.99 -2.35 -19.95
C ASP B 441 -3.53 -0.94 -19.66
N SER B 442 -3.00 -0.72 -18.47
CA SER B 442 -2.44 0.60 -18.15
C SER B 442 -0.99 0.71 -18.61
N TYR B 443 -0.20 -0.37 -18.49
CA TYR B 443 1.19 -0.29 -18.82
C TYR B 443 1.39 -0.12 -20.32
N ARG B 444 0.47 -0.69 -21.11
CA ARG B 444 0.59 -0.59 -22.57
C ARG B 444 -0.12 0.63 -23.13
N ALA B 445 -0.74 1.41 -22.26
CA ALA B 445 -1.48 2.61 -22.71
C ALA B 445 -0.55 3.80 -22.84
N ALA B 446 -0.39 4.28 -24.08
CA ALA B 446 0.44 5.44 -24.30
C ALA B 446 -0.19 6.70 -23.70
N VAL B 447 -1.52 6.72 -23.62
CA VAL B 447 -2.19 7.86 -22.98
C VAL B 447 -3.24 7.31 -22.01
N LEU B 448 -3.22 7.91 -20.80
CA LEU B 448 -4.11 7.52 -19.70
C LEU B 448 -4.89 8.78 -19.33
N PRO B 449 -5.99 8.62 -18.55
CA PRO B 449 -6.84 9.75 -18.14
C PRO B 449 -6.25 10.61 -17.06
N ALA B 450 -4.94 10.46 -16.82
CA ALA B 450 -4.24 11.30 -15.87
C ALA B 450 -4.18 12.76 -16.44
N ASN B 451 -4.47 12.97 -17.71
CA ASN B 451 -4.54 14.37 -18.20
C ASN B 451 -5.71 15.09 -17.45
N LEU B 452 -6.83 14.40 -17.21
CA LEU B 452 -7.94 14.99 -16.49
C LEU B 452 -7.54 15.21 -15.03
N ILE B 453 -6.87 14.22 -14.42
CA ILE B 453 -6.40 14.40 -13.04
C ILE B 453 -5.51 15.64 -12.94
N GLN B 454 -4.61 15.82 -13.90
CA GLN B 454 -3.71 17.00 -13.86
C GLN B 454 -4.50 18.30 -14.01
N ALA B 455 -5.55 18.27 -14.85
CA ALA B 455 -6.39 19.46 -15.03
C ALA B 455 -7.15 19.78 -13.73
N GLN B 456 -7.66 18.75 -13.06
CA GLN B 456 -8.35 18.97 -11.78
C GLN B 456 -7.41 19.55 -10.73
N ARG B 457 -6.20 19.01 -10.63
CA ARG B 457 -5.24 19.51 -9.64
C ARG B 457 -4.88 20.98 -9.95
N ASP B 458 -4.86 21.33 -11.23
CA ASP B 458 -4.49 22.73 -11.58
C ASP B 458 -5.67 23.60 -11.19
N TYR B 459 -6.89 23.10 -11.42
CA TYR B 459 -8.11 23.82 -11.08
C TYR B 459 -8.24 24.11 -9.60
N PHE B 460 -8.21 23.10 -8.74
CA PHE B 460 -8.42 23.35 -7.33
C PHE B 460 -7.19 23.70 -6.51
N GLY B 461 -6.01 23.35 -7.00
CA GLY B 461 -4.83 23.65 -6.23
C GLY B 461 -3.73 24.39 -6.96
N ALA B 462 -3.99 24.89 -8.18
CA ALA B 462 -3.02 25.61 -9.01
C ALA B 462 -1.66 24.89 -9.06
N HIS B 463 -1.71 23.58 -9.16
CA HIS B 463 -0.50 22.79 -9.17
C HIS B 463 0.33 22.83 -10.46
N THR B 464 -0.23 23.41 -11.52
CA THR B 464 0.37 23.53 -12.86
C THR B 464 0.42 22.19 -13.60
N TYR B 465 0.54 22.25 -14.92
CA TYR B 465 0.58 21.01 -15.72
C TYR B 465 1.54 21.24 -16.87
N LYS B 466 1.91 20.16 -17.53
CA LYS B 466 2.79 20.25 -18.69
C LYS B 466 1.94 19.93 -19.91
N ARG B 467 2.44 20.29 -21.08
CA ARG B 467 1.67 20.07 -22.33
C ARG B 467 2.42 19.14 -23.26
N ILE B 468 1.70 18.53 -24.20
CA ILE B 468 2.33 17.60 -25.14
C ILE B 468 2.82 18.33 -26.37
N ASP B 469 2.64 19.65 -26.44
CA ASP B 469 3.02 20.37 -27.66
C ASP B 469 3.96 21.53 -27.48
N LYS B 470 4.35 21.77 -26.24
CA LYS B 470 5.30 22.87 -26.01
C LYS B 470 5.97 22.68 -24.66
N GLU B 471 7.11 23.33 -24.48
CA GLU B 471 7.88 23.20 -23.25
C GLU B 471 7.35 24.08 -22.11
N GLY B 472 7.63 23.66 -20.89
CA GLY B 472 7.27 24.46 -19.72
C GLY B 472 6.10 23.97 -18.90
N VAL B 473 5.83 24.69 -17.81
CA VAL B 473 4.73 24.37 -16.92
C VAL B 473 3.72 25.45 -17.15
N PHE B 474 2.47 25.06 -17.06
CA PHE B 474 1.36 25.95 -17.34
C PHE B 474 0.30 25.95 -16.24
N HIS B 475 -0.36 27.10 -16.07
CA HIS B 475 -1.48 27.24 -15.13
C HIS B 475 -2.64 27.87 -15.89
N THR B 476 -3.85 27.40 -15.66
CA THR B 476 -4.98 27.90 -16.41
C THR B 476 -6.14 28.42 -15.55
N GLU B 477 -6.88 29.40 -16.07
CA GLU B 477 -8.11 29.91 -15.40
C GLU B 477 -9.20 29.11 -16.11
N TRP B 478 -9.60 27.97 -15.54
CA TRP B 478 -10.54 27.09 -16.20
C TRP B 478 -11.92 27.64 -16.51
N LEU B 479 -12.28 28.72 -15.84
CA LEU B 479 -13.56 29.37 -16.11
C LEU B 479 -13.30 30.74 -16.73
C1 6PG C . -6.92 20.09 -0.30
C2 6PG C . -5.88 19.52 -1.28
C3 6PG C . -4.40 19.81 -0.83
C4 6PG C . -3.34 18.92 -1.58
C5 6PG C . -3.30 19.10 -3.08
C6 6PG C . -3.72 17.73 -3.73
O1A 6PG C . -7.50 19.33 0.44
O1 6PG C . -7.21 21.39 -0.28
O2 6PG C . -6.10 18.10 -1.37
O3 6PG C . -4.26 19.54 0.56
O4 6PG C . -2.00 19.17 -1.09
O5 6PG C . -4.16 20.23 -3.50
O6 6PG C . -2.99 16.55 -3.13
P 6PG C . -1.80 16.07 -4.22
O1P 6PG C . -0.90 17.22 -4.52
O2P 6PG C . -0.99 14.87 -3.59
O3P 6PG C . -2.56 15.64 -5.61
C1 6PG D . 10.43 -18.34 3.33
C2 6PG D . 9.17 -18.04 4.02
C3 6PG D . 9.59 -17.66 5.44
C4 6PG D . 8.41 -17.68 6.44
C5 6PG D . 7.58 -16.37 6.43
C6 6PG D . 6.32 -16.43 5.50
O1A 6PG D . 10.80 -17.61 2.45
O1 6PG D . 11.12 -19.36 3.72
O2 6PG D . 8.54 -16.97 3.30
O3 6PG D . 10.32 -16.36 5.44
O4 6PG D . 7.56 -18.87 6.16
O5 6PG D . 7.12 -16.12 7.76
O6 6PG D . 5.82 -15.08 5.32
P 6PG D . 4.49 -14.77 6.32
O1P 6PG D . 4.43 -13.22 6.39
O2P 6PG D . 3.15 -15.41 5.64
O3P 6PG D . 4.67 -15.41 7.80
#